data_2GL0
#
_entry.id   2GL0
#
_cell.length_a   76.862
_cell.length_b   109.825
_cell.length_c   112.484
_cell.angle_alpha   90.00
_cell.angle_beta   90.00
_cell.angle_gamma   90.00
#
_symmetry.space_group_name_H-M   'P 21 21 21'
#
loop_
_entity.id
_entity.type
_entity.pdbx_description
1 polymer 'conserved hypothetical protein'
2 non-polymer ADENOSINE
3 non-polymer 'PHOSPHATE ION'
4 water water
#
_entity_poly.entity_id   1
_entity_poly.type   'polypeptide(L)'
_entity_poly.pdbx_seq_one_letter_code
;MTDMSIKFELIDVPIPQGTNVIIGQAHFIKTVEDLYEALVTSVPGVKFGIAFCEASGKRLVRHEANDEELRNLAIDLCKK
IAAGHVFVIYIRNAWPINVLNAIKNVPEVVRIFAATANPLKVIVAEVEPERRGVVGVVDGHSPLGVETEKDREERKKFLR
EVVKYKL
;
_entity_poly.pdbx_strand_id   A,B,C,D,E,F
#
loop_
_chem_comp.id
_chem_comp.type
_chem_comp.name
_chem_comp.formula
ADN non-polymer ADENOSINE 'C10 H13 N5 O4'
PO4 non-polymer 'PHOSPHATE ION' 'O4 P -3'
#
# COMPACT_ATOMS: atom_id res chain seq x y z
N SER A 5 -4.96 -16.36 38.24
CA SER A 5 -5.77 -15.64 37.20
C SER A 5 -5.08 -14.35 36.58
N ILE A 6 -5.82 -13.57 35.82
CA ILE A 6 -5.16 -12.52 35.06
C ILE A 6 -5.35 -11.21 35.77
N LYS A 7 -4.28 -10.42 35.71
CA LYS A 7 -4.17 -9.13 36.33
C LYS A 7 -4.20 -8.16 35.16
N PHE A 8 -5.23 -7.31 35.18
CA PHE A 8 -5.42 -6.18 34.31
C PHE A 8 -4.94 -4.88 35.00
N GLU A 9 -4.02 -4.14 34.38
CA GLU A 9 -3.58 -2.83 34.89
C GLU A 9 -3.97 -1.76 33.95
N LEU A 10 -4.07 -0.52 34.46
CA LEU A 10 -4.39 0.68 33.69
C LEU A 10 -3.24 1.67 33.75
N ILE A 11 -2.69 2.01 32.58
CA ILE A 11 -1.57 2.92 32.48
C ILE A 11 -2.08 4.18 31.81
N ASP A 12 -2.11 5.25 32.62
CA ASP A 12 -2.53 6.55 32.19
C ASP A 12 -1.40 7.16 31.35
N VAL A 13 -1.71 7.68 30.18
CA VAL A 13 -0.66 8.10 29.25
C VAL A 13 -0.61 9.61 29.29
N PRO A 14 0.55 10.18 29.65
CA PRO A 14 0.75 11.63 29.62
C PRO A 14 0.96 12.18 28.20
N ILE A 15 0.23 13.25 27.88
CA ILE A 15 0.26 13.87 26.57
C ILE A 15 0.28 15.38 26.71
N PRO A 16 1.48 15.97 26.69
CA PRO A 16 1.62 17.39 26.67
C PRO A 16 0.92 18.04 25.47
N GLN A 17 0.50 19.27 25.71
CA GLN A 17 -0.04 20.13 24.68
C GLN A 17 0.98 20.23 23.50
N GLY A 18 0.52 20.03 22.28
CA GLY A 18 1.45 20.01 21.18
C GLY A 18 2.03 18.66 20.76
N THR A 19 2.19 17.70 21.66
CA THR A 19 2.47 16.31 21.28
C THR A 19 1.20 15.47 20.86
N ASN A 20 1.42 14.39 20.08
CA ASN A 20 0.56 13.23 19.99
C ASN A 20 1.35 11.97 20.24
N VAL A 21 0.61 10.89 20.60
CA VAL A 21 1.17 9.59 20.93
C VAL A 21 0.63 8.57 19.93
N ILE A 22 1.50 7.70 19.47
CA ILE A 22 1.15 6.57 18.63
C ILE A 22 1.68 5.33 19.35
N ILE A 23 0.79 4.39 19.66
CA ILE A 23 1.18 3.20 20.42
C ILE A 23 0.87 1.93 19.63
N GLY A 24 1.80 0.97 19.57
CA GLY A 24 1.61 -0.17 18.75
C GLY A 24 2.41 -1.40 19.11
N GLN A 25 2.21 -2.49 18.33
CA GLN A 25 3.01 -3.68 18.47
C GLN A 25 3.84 -4.08 17.19
N ALA A 26 5.12 -4.46 17.37
CA ALA A 26 5.98 -4.87 16.29
C ALA A 26 6.69 -6.17 16.69
N HIS A 27 7.92 -6.34 16.24
CA HIS A 27 8.74 -7.51 16.55
C HIS A 27 10.10 -7.21 15.87
N PHE A 28 11.15 -7.90 16.34
CA PHE A 28 12.50 -7.75 15.83
C PHE A 28 13.02 -6.37 16.19
N ILE A 29 14.33 -6.32 16.41
CA ILE A 29 15.05 -5.17 16.83
C ILE A 29 15.19 -4.05 15.82
N LYS A 30 15.12 -4.36 14.51
CA LYS A 30 15.19 -3.30 13.47
C LYS A 30 14.00 -2.31 13.45
N THR A 31 12.95 -2.65 14.20
CA THR A 31 11.79 -1.80 14.45
C THR A 31 12.21 -0.42 14.90
N VAL A 32 13.16 -0.25 15.85
CA VAL A 32 13.52 1.19 16.25
C VAL A 32 14.14 2.05 15.13
N GLU A 33 14.93 1.43 14.28
CA GLU A 33 15.57 2.19 13.23
C GLU A 33 14.57 2.56 12.09
N ASP A 34 13.75 1.57 11.73
CA ASP A 34 12.72 1.71 10.68
C ASP A 34 11.59 2.65 11.10
N LEU A 35 11.30 2.73 12.39
CA LEU A 35 10.32 3.70 12.87
C LEU A 35 10.86 5.09 12.82
N TYR A 36 12.04 5.28 13.39
CA TYR A 36 12.88 6.46 13.18
C TYR A 36 12.91 6.98 11.72
N GLU A 37 13.23 6.14 10.74
CA GLU A 37 13.29 6.64 9.36
C GLU A 37 11.91 7.01 8.81
N ALA A 38 10.87 6.29 9.26
CA ALA A 38 9.46 6.53 8.80
C ALA A 38 8.98 7.90 9.29
N LEU A 39 9.39 8.21 10.53
CA LEU A 39 9.14 9.59 11.06
C LEU A 39 9.97 10.74 10.42
N VAL A 40 11.29 10.59 10.34
CA VAL A 40 12.13 11.70 9.87
C VAL A 40 11.90 12.02 8.42
N THR A 41 11.40 11.04 7.66
CA THR A 41 11.20 11.23 6.22
C THR A 41 9.71 11.49 5.82
N SER A 42 8.85 11.66 6.79
CA SER A 42 7.47 12.01 6.55
C SER A 42 7.22 13.54 6.55
N VAL A 43 7.89 14.27 7.43
CA VAL A 43 7.67 15.74 7.64
C VAL A 43 8.99 16.41 7.98
N PRO A 44 9.37 17.51 7.25
CA PRO A 44 10.64 18.20 7.54
C PRO A 44 10.81 18.71 9.00
N GLY A 45 9.84 19.36 9.57
CA GLY A 45 10.15 19.81 10.95
C GLY A 45 10.20 18.79 12.10
N VAL A 46 9.66 17.58 11.91
CA VAL A 46 9.10 16.69 13.01
C VAL A 46 10.10 16.41 14.12
N LYS A 47 9.65 16.66 15.34
CA LYS A 47 10.34 16.35 16.59
C LYS A 47 9.70 15.12 17.14
N PHE A 48 10.47 14.15 17.62
CA PHE A 48 9.88 12.96 18.14
C PHE A 48 10.77 12.17 19.06
N GLY A 49 10.20 11.13 19.64
CA GLY A 49 10.99 10.14 20.40
C GLY A 49 10.26 8.82 20.20
N ILE A 50 11.07 7.80 19.92
CA ILE A 50 10.57 6.41 19.73
C ILE A 50 11.21 5.43 20.76
N ALA A 51 10.37 4.60 21.37
CA ALA A 51 10.90 3.45 22.22
C ALA A 51 10.18 2.15 21.88
N PHE A 52 10.85 1.04 22.18
CA PHE A 52 10.46 -0.31 21.71
C PHE A 52 10.97 -1.29 22.74
N CYS A 53 10.13 -2.17 23.19
CA CYS A 53 10.57 -3.15 24.20
C CYS A 53 11.00 -4.38 23.47
N GLU A 54 12.30 -4.62 23.36
CA GLU A 54 12.84 -5.94 22.90
C GLU A 54 12.30 -6.94 23.85
N ALA A 55 11.84 -8.10 23.40
CA ALA A 55 11.17 -9.03 24.31
C ALA A 55 11.91 -10.35 24.56
N SER A 56 13.18 -10.41 24.12
CA SER A 56 14.00 -11.57 24.30
C SER A 56 15.43 -11.15 24.48
N GLY A 57 16.30 -12.13 24.79
CA GLY A 57 17.71 -11.85 25.13
C GLY A 57 17.92 -10.80 26.21
N LYS A 58 18.56 -9.71 25.84
CA LYS A 58 18.82 -8.62 26.80
C LYS A 58 17.55 -7.92 27.30
N ARG A 59 16.48 -8.04 26.53
CA ARG A 59 15.21 -7.35 26.81
C ARG A 59 15.38 -5.86 27.17
N LEU A 60 16.13 -5.10 26.37
CA LEU A 60 16.21 -3.63 26.63
C LEU A 60 15.15 -2.83 25.87
N VAL A 61 14.64 -1.75 26.49
CA VAL A 61 13.89 -0.72 25.81
C VAL A 61 14.93 0.08 24.93
N ARG A 62 14.79 -0.10 23.62
CA ARG A 62 15.56 0.55 22.54
C ARG A 62 14.93 1.86 22.06
N HIS A 63 15.72 2.90 21.85
CA HIS A 63 15.14 4.25 21.64
C HIS A 63 15.89 5.00 20.61
N GLU A 64 15.18 5.80 19.82
CA GLU A 64 15.85 6.78 18.97
C GLU A 64 15.11 8.08 19.19
N ALA A 65 15.75 9.23 18.98
CA ALA A 65 15.02 10.50 19.22
C ALA A 65 15.71 11.68 18.61
N ASN A 66 14.97 12.76 18.41
CA ASN A 66 15.64 14.05 18.17
C ASN A 66 15.09 15.14 19.13
N ASP A 67 14.55 14.71 20.28
CA ASP A 67 13.94 15.61 21.24
C ASP A 67 13.96 14.82 22.51
N GLU A 68 14.72 15.34 23.45
CA GLU A 68 15.05 14.67 24.70
C GLU A 68 13.85 14.57 25.66
N GLU A 69 13.07 15.65 25.80
CA GLU A 69 11.73 15.56 26.41
C GLU A 69 10.93 14.37 25.88
N LEU A 70 10.79 14.28 24.55
CA LEU A 70 9.92 13.28 23.95
C LEU A 70 10.54 11.86 23.94
N ARG A 71 11.84 11.71 23.88
CA ARG A 71 12.51 10.43 24.06
C ARG A 71 12.16 9.82 25.44
N ASN A 72 12.12 10.68 26.48
CA ASN A 72 11.94 10.30 27.87
C ASN A 72 10.52 9.87 28.14
N LEU A 73 9.58 10.61 27.54
CA LEU A 73 8.16 10.23 27.55
C LEU A 73 7.92 8.84 27.00
N ALA A 74 8.47 8.58 25.80
CA ALA A 74 8.36 7.24 25.11
C ALA A 74 9.06 6.09 25.85
N ILE A 75 10.28 6.28 26.37
CA ILE A 75 10.99 5.26 27.17
C ILE A 75 10.22 4.92 28.49
N ASP A 76 9.70 5.95 29.14
CA ASP A 76 8.96 5.86 30.41
C ASP A 76 7.64 5.15 30.22
N LEU A 77 6.98 5.38 29.09
CA LEU A 77 5.75 4.64 28.81
C LEU A 77 6.00 3.18 28.47
N CYS A 78 7.03 2.90 27.72
CA CYS A 78 7.48 1.53 27.54
C CYS A 78 7.78 0.81 28.85
N LYS A 79 8.33 1.51 29.80
CA LYS A 79 8.68 0.95 31.09
C LYS A 79 7.45 0.68 31.92
N LYS A 80 6.44 1.51 31.70
CA LYS A 80 5.18 1.36 32.40
C LYS A 80 4.33 0.22 31.80
N ILE A 81 4.15 0.22 30.47
CA ILE A 81 3.48 -0.86 29.79
C ILE A 81 4.22 -2.21 30.04
N ALA A 82 5.55 -2.27 29.84
CA ALA A 82 6.40 -3.43 30.15
C ALA A 82 5.85 -4.68 29.50
N ALA A 83 5.43 -4.54 28.24
CA ALA A 83 4.88 -5.64 27.46
C ALA A 83 5.83 -5.87 26.29
N GLY A 84 6.30 -7.12 26.12
CA GLY A 84 7.16 -7.40 25.00
C GLY A 84 6.64 -7.03 23.60
N HIS A 85 7.51 -6.36 22.85
CA HIS A 85 7.33 -5.99 21.44
C HIS A 85 6.41 -4.80 21.18
N VAL A 86 5.87 -4.19 22.24
CA VAL A 86 5.13 -2.94 22.13
C VAL A 86 6.08 -1.84 21.78
N PHE A 87 5.64 -0.84 20.98
CA PHE A 87 6.36 0.47 20.72
C PHE A 87 5.54 1.73 21.03
N VAL A 88 6.20 2.81 21.44
CA VAL A 88 5.53 4.18 21.68
C VAL A 88 6.31 5.24 20.91
N ILE A 89 5.54 6.08 20.21
CA ILE A 89 6.05 7.26 19.53
C ILE A 89 5.28 8.48 20.04
N TYR A 90 6.06 9.46 20.52
CA TYR A 90 5.59 10.84 20.69
C TYR A 90 6.12 11.75 19.58
N ILE A 91 5.28 12.65 19.03
CA ILE A 91 5.67 13.50 17.90
C ILE A 91 5.24 14.91 18.20
N ARG A 92 6.04 15.92 17.78
CA ARG A 92 5.63 17.35 17.79
C ARG A 92 5.83 17.88 16.39
N ASN A 93 5.03 18.88 15.95
CA ASN A 93 5.16 19.51 14.57
C ASN A 93 4.78 18.60 13.42
N ALA A 94 3.89 17.67 13.72
CA ALA A 94 3.36 16.64 12.81
C ALA A 94 2.21 15.99 13.57
N TRP A 95 1.14 15.76 12.79
CA TRP A 95 -0.10 15.11 13.23
C TRP A 95 0.09 13.67 12.83
N PRO A 96 -0.52 12.71 13.61
CA PRO A 96 -0.54 11.25 13.23
C PRO A 96 -0.93 10.97 11.82
N ILE A 97 -1.95 11.61 11.27
CA ILE A 97 -2.31 11.40 9.86
C ILE A 97 -1.19 11.71 8.89
N ASN A 98 -0.24 12.60 9.27
CA ASN A 98 0.99 12.84 8.44
C ASN A 98 1.93 11.71 8.31
N VAL A 99 1.91 10.73 9.23
CA VAL A 99 3.04 9.71 9.37
C VAL A 99 2.54 8.31 9.47
N LEU A 100 1.21 8.15 9.62
CA LEU A 100 0.63 6.87 9.96
C LEU A 100 0.73 5.80 8.90
N ASN A 101 0.39 6.15 7.66
CA ASN A 101 0.39 5.10 6.62
C ASN A 101 1.80 4.53 6.46
N ALA A 102 2.81 5.40 6.61
CA ALA A 102 4.18 5.03 6.60
C ALA A 102 4.49 4.03 7.77
N ILE A 103 3.98 4.32 8.95
CA ILE A 103 4.21 3.42 10.09
C ILE A 103 3.62 2.06 9.79
N LYS A 104 2.42 2.03 9.21
CA LYS A 104 1.63 0.83 8.92
C LYS A 104 2.44 -0.05 8.02
N ASN A 105 3.26 0.59 7.19
CA ASN A 105 4.12 -0.14 6.19
C ASN A 105 5.52 -0.61 6.56
N VAL A 106 5.88 -0.45 7.82
CA VAL A 106 7.22 -0.87 8.29
C VAL A 106 7.01 -2.37 8.42
N PRO A 107 7.78 -3.19 7.67
CA PRO A 107 7.65 -4.64 7.72
C PRO A 107 7.48 -5.32 9.14
N GLU A 108 8.24 -4.88 10.13
CA GLU A 108 8.11 -5.22 11.57
C GLU A 108 6.72 -4.92 12.23
N VAL A 109 6.09 -3.82 11.86
CA VAL A 109 4.84 -3.37 12.53
C VAL A 109 3.63 -4.34 12.24
N VAL A 110 3.12 -4.94 13.32
CA VAL A 110 2.07 -5.93 13.18
C VAL A 110 0.72 -5.24 13.38
N ARG A 111 0.64 -4.24 14.28
CA ARG A 111 -0.62 -3.52 14.58
C ARG A 111 -0.38 -2.18 15.33
N ILE A 112 -1.38 -1.30 15.29
CA ILE A 112 -1.38 0.00 15.96
C ILE A 112 -2.61 0.01 16.93
N PHE A 113 -2.32 0.35 18.17
CA PHE A 113 -3.31 0.50 19.19
C PHE A 113 -4.04 1.81 19.22
N ALA A 114 -3.35 2.91 18.98
CA ALA A 114 -3.96 4.27 19.28
C ALA A 114 -3.15 5.29 18.57
N ALA A 115 -3.82 6.33 18.03
CA ALA A 115 -3.16 7.58 17.60
C ALA A 115 -3.93 8.77 18.08
N THR A 116 -3.39 9.54 19.03
CA THR A 116 -4.22 10.53 19.73
C THR A 116 -3.45 11.50 20.60
N ALA A 117 -4.15 12.60 20.93
CA ALA A 117 -3.81 13.58 21.98
C ALA A 117 -4.89 13.60 23.08
N ASN A 118 -5.95 12.78 22.96
CA ASN A 118 -7.02 12.69 23.98
C ASN A 118 -6.51 12.05 25.27
N PRO A 119 -7.21 12.33 26.42
CA PRO A 119 -6.94 11.48 27.60
C PRO A 119 -6.91 10.06 27.12
N LEU A 120 -5.91 9.30 27.57
CA LEU A 120 -5.70 7.96 27.02
C LEU A 120 -5.28 7.03 28.09
N LYS A 121 -5.91 5.85 28.10
CA LYS A 121 -5.51 4.73 29.00
C LYS A 121 -5.21 3.42 28.22
N VAL A 122 -4.09 2.74 28.60
CA VAL A 122 -3.63 1.44 28.02
C VAL A 122 -3.92 0.42 29.04
N ILE A 123 -4.61 -0.64 28.58
CA ILE A 123 -4.97 -1.70 29.41
C ILE A 123 -3.99 -2.85 29.14
N VAL A 124 -3.25 -3.19 30.19
CA VAL A 124 -2.28 -4.30 30.12
C VAL A 124 -2.74 -5.48 30.95
N ALA A 125 -2.49 -6.67 30.40
CA ALA A 125 -2.71 -7.94 31.08
C ALA A 125 -1.38 -8.49 31.48
N GLU A 126 -1.20 -8.73 32.78
CA GLU A 126 -0.06 -9.48 33.27
C GLU A 126 -0.57 -10.87 33.61
N VAL A 127 0.03 -11.91 32.99
CA VAL A 127 -0.52 -13.27 33.03
C VAL A 127 0.27 -14.27 33.88
N GLU A 128 1.55 -13.97 34.08
CA GLU A 128 2.43 -14.66 35.01
C GLU A 128 3.58 -13.67 35.22
N PRO A 129 4.51 -13.88 36.19
CA PRO A 129 5.58 -12.83 36.27
C PRO A 129 6.43 -12.50 34.98
N GLU A 130 6.44 -11.23 34.55
CA GLU A 130 7.23 -10.75 33.42
C GLU A 130 6.65 -11.07 32.00
N ARG A 131 5.40 -11.55 31.99
CA ARG A 131 4.67 -11.87 30.79
C ARG A 131 3.49 -10.94 30.70
N ARG A 132 3.61 -9.88 29.91
CA ARG A 132 2.56 -8.85 29.79
C ARG A 132 2.26 -8.61 28.32
N GLY A 133 0.99 -8.32 28.02
CA GLY A 133 0.59 -7.83 26.69
C GLY A 133 -0.56 -6.77 26.80
N VAL A 134 -0.74 -5.99 25.73
CA VAL A 134 -1.77 -4.96 25.63
C VAL A 134 -3.10 -5.58 25.26
N VAL A 135 -4.11 -5.37 26.12
CA VAL A 135 -5.44 -5.84 25.76
C VAL A 135 -6.34 -4.81 25.10
N GLY A 136 -6.04 -3.52 25.21
CA GLY A 136 -6.87 -2.49 24.64
C GLY A 136 -6.41 -1.10 25.12
N VAL A 137 -7.09 -0.05 24.63
CA VAL A 137 -6.93 1.33 25.05
C VAL A 137 -8.31 1.91 25.28
N VAL A 138 -8.31 3.05 25.99
CA VAL A 138 -9.49 3.86 26.28
C VAL A 138 -9.04 5.19 25.74
N ASP A 139 -9.49 5.50 24.55
CA ASP A 139 -9.10 6.72 23.89
C ASP A 139 -10.14 7.89 24.06
N GLY A 140 -9.83 8.92 24.83
CA GLY A 140 -10.90 9.92 25.17
C GLY A 140 -12.24 9.41 25.71
N HIS A 141 -13.31 10.21 25.59
CA HIS A 141 -14.63 9.93 26.31
C HIS A 141 -15.75 9.40 25.42
N SER A 142 -16.66 8.64 26.00
CA SER A 142 -17.77 8.09 25.27
C SER A 142 -18.74 9.21 24.77
N PRO A 143 -19.66 8.91 23.80
CA PRO A 143 -20.47 10.00 23.20
C PRO A 143 -21.41 10.76 24.15
N LEU A 144 -21.55 12.07 23.92
CA LEU A 144 -22.57 12.86 24.62
C LEU A 144 -23.89 12.89 23.89
N GLY A 145 -23.87 12.63 22.59
CA GLY A 145 -25.09 12.33 21.90
C GLY A 145 -24.68 12.20 20.46
N VAL A 146 -25.68 12.45 19.58
CA VAL A 146 -25.62 12.15 18.16
C VAL A 146 -25.62 13.43 17.36
N GLU A 147 -24.80 13.53 16.32
CA GLU A 147 -24.72 14.77 15.52
C GLU A 147 -25.98 15.13 14.72
N THR A 148 -26.47 16.38 14.88
CA THR A 148 -27.56 16.95 14.04
C THR A 148 -27.09 17.53 12.69
N GLU A 149 -28.00 18.17 11.96
CA GLU A 149 -27.62 18.83 10.72
C GLU A 149 -26.93 20.20 10.95
N LYS A 150 -27.38 20.96 11.98
CA LYS A 150 -26.56 22.08 12.51
C LYS A 150 -25.09 21.71 12.74
N ASP A 151 -24.80 20.68 13.58
CA ASP A 151 -23.42 20.33 13.98
C ASP A 151 -22.64 19.76 12.79
N ARG A 152 -23.31 19.04 11.86
CA ARG A 152 -22.65 18.51 10.63
C ARG A 152 -22.14 19.66 9.72
N GLU A 153 -23.01 20.68 9.53
CA GLU A 153 -22.65 21.96 8.85
C GLU A 153 -21.41 22.65 9.45
N GLU A 154 -21.40 22.68 10.77
CA GLU A 154 -20.29 23.26 11.51
C GLU A 154 -19.06 22.36 11.32
N ARG A 155 -19.22 21.05 11.46
CA ARG A 155 -18.12 20.12 11.20
C ARG A 155 -17.55 20.25 9.75
N LYS A 156 -18.44 20.31 8.74
CA LYS A 156 -18.03 20.44 7.35
C LYS A 156 -17.31 21.76 7.14
N LYS A 157 -17.73 22.82 7.81
CA LYS A 157 -17.03 24.12 7.72
C LYS A 157 -15.72 24.11 8.51
N PHE A 158 -15.63 23.37 9.60
CA PHE A 158 -14.35 23.25 10.31
C PHE A 158 -13.27 22.67 9.38
N LEU A 159 -13.57 21.58 8.66
CA LEU A 159 -12.63 20.87 7.75
C LEU A 159 -12.21 21.69 6.51
N ARG A 160 -13.14 22.53 6.05
CA ARG A 160 -12.97 23.26 4.83
C ARG A 160 -12.46 24.72 5.03
N GLU A 161 -12.83 25.35 6.14
CA GLU A 161 -12.46 26.75 6.38
C GLU A 161 -11.38 26.93 7.42
N VAL A 162 -11.37 26.04 8.42
CA VAL A 162 -10.40 26.17 9.52
C VAL A 162 -9.11 25.38 9.17
N VAL A 163 -9.23 24.05 8.97
CA VAL A 163 -8.03 23.23 8.72
C VAL A 163 -7.63 23.15 7.22
N LYS A 164 -8.60 23.42 6.37
CA LYS A 164 -8.37 23.32 4.92
C LYS A 164 -7.92 21.91 4.38
N TYR A 165 -8.53 20.85 4.95
CA TYR A 165 -8.24 19.47 4.59
C TYR A 165 -9.25 18.93 3.55
N LYS A 166 -10.38 19.61 3.46
CA LYS A 166 -11.49 19.31 2.52
C LYS A 166 -11.81 20.55 1.69
N LEU A 167 -12.51 20.38 0.56
CA LEU A 167 -12.91 21.49 -0.27
C LEU A 167 -14.40 21.70 -0.33
N SER B 5 -19.54 -13.18 33.47
CA SER B 5 -19.88 -14.23 32.49
C SER B 5 -18.97 -14.12 31.27
N ILE B 6 -17.76 -13.62 31.50
CA ILE B 6 -16.70 -13.77 30.56
C ILE B 6 -15.63 -14.49 31.31
N LYS B 7 -15.14 -15.59 30.75
CA LYS B 7 -13.88 -16.15 31.19
C LYS B 7 -12.87 -15.90 30.13
N PHE B 8 -11.64 -15.80 30.62
CA PHE B 8 -10.46 -15.73 29.83
C PHE B 8 -9.65 -17.00 30.08
N GLU B 9 -8.91 -17.43 29.07
CA GLU B 9 -8.09 -18.64 29.11
C GLU B 9 -6.83 -18.27 28.35
N LEU B 10 -5.68 -18.80 28.79
CA LEU B 10 -4.39 -18.51 28.13
C LEU B 10 -3.97 -19.71 27.28
N ILE B 11 -3.66 -19.46 26.00
CA ILE B 11 -3.20 -20.52 25.14
C ILE B 11 -1.68 -20.31 24.88
N ASP B 12 -0.88 -21.29 25.27
CA ASP B 12 0.58 -21.30 24.99
C ASP B 12 0.81 -21.71 23.54
N VAL B 13 1.87 -21.19 22.90
CA VAL B 13 2.12 -21.33 21.45
C VAL B 13 3.50 -21.96 21.22
N PRO B 14 3.51 -23.24 20.73
CA PRO B 14 4.80 -23.93 20.53
C PRO B 14 5.48 -23.35 19.30
N ILE B 15 6.78 -23.07 19.42
CA ILE B 15 7.50 -22.45 18.34
C ILE B 15 8.79 -23.21 18.29
N PRO B 16 8.89 -24.27 17.45
CA PRO B 16 10.24 -24.90 17.36
C PRO B 16 11.27 -23.95 16.74
N GLN B 17 12.55 -24.17 17.09
CA GLN B 17 13.70 -23.35 16.67
C GLN B 17 13.66 -23.39 15.16
N GLY B 18 13.94 -22.25 14.53
CA GLY B 18 13.81 -22.08 13.05
C GLY B 18 12.42 -21.87 12.49
N THR B 19 11.36 -21.87 13.30
CA THR B 19 10.05 -21.42 12.80
C THR B 19 9.76 -20.02 13.39
N ASN B 20 8.91 -19.24 12.72
CA ASN B 20 8.22 -18.12 13.34
C ASN B 20 6.75 -18.40 13.16
N VAL B 21 5.89 -17.86 14.06
CA VAL B 21 4.41 -17.90 13.98
C VAL B 21 3.87 -16.47 13.63
N ILE B 22 2.79 -16.47 12.82
CA ILE B 22 1.93 -15.25 12.58
C ILE B 22 0.46 -15.63 12.87
N ILE B 23 -0.21 -14.95 13.79
CA ILE B 23 -1.59 -15.18 14.14
C ILE B 23 -2.44 -13.88 13.86
N GLY B 24 -3.60 -14.04 13.21
CA GLY B 24 -4.39 -12.85 12.93
C GLY B 24 -5.86 -13.06 12.88
N GLN B 25 -6.57 -11.99 12.62
CA GLN B 25 -7.95 -12.16 12.28
C GLN B 25 -8.30 -11.83 10.79
N ALA B 26 -9.19 -12.64 10.22
CA ALA B 26 -9.62 -12.43 8.87
C ALA B 26 -11.10 -12.69 8.76
N HIS B 27 -11.55 -13.19 7.62
CA HIS B 27 -12.98 -13.37 7.37
C HIS B 27 -13.07 -13.93 5.98
N PHE B 28 -14.15 -14.69 5.72
CA PHE B 28 -14.48 -15.32 4.39
C PHE B 28 -13.52 -16.48 4.10
N ILE B 29 -14.08 -17.56 3.55
CA ILE B 29 -13.36 -18.82 3.28
C ILE B 29 -12.14 -18.69 2.30
N LYS B 30 -12.16 -17.72 1.37
CA LYS B 30 -10.97 -17.41 0.51
C LYS B 30 -9.72 -17.00 1.28
N THR B 31 -9.88 -16.65 2.54
CA THR B 31 -8.73 -16.37 3.36
C THR B 31 -7.66 -17.38 3.19
N VAL B 32 -7.97 -18.66 3.24
CA VAL B 32 -6.88 -19.63 3.23
C VAL B 32 -6.06 -19.80 1.92
N GLU B 33 -6.68 -19.59 0.76
CA GLU B 33 -5.93 -19.70 -0.53
C GLU B 33 -5.17 -18.40 -0.75
N ASP B 34 -5.82 -17.28 -0.42
CA ASP B 34 -5.11 -15.97 -0.41
C ASP B 34 -3.88 -15.93 0.46
N LEU B 35 -3.92 -16.45 1.69
CA LEU B 35 -2.71 -16.54 2.50
C LEU B 35 -1.73 -17.58 1.93
N TYR B 36 -2.22 -18.75 1.49
CA TYR B 36 -1.37 -19.60 0.72
C TYR B 36 -0.54 -18.81 -0.34
N GLU B 37 -1.23 -18.09 -1.20
CA GLU B 37 -0.58 -17.36 -2.30
C GLU B 37 0.37 -16.28 -1.83
N ALA B 38 -0.09 -15.52 -0.85
CA ALA B 38 0.76 -14.56 -0.24
C ALA B 38 2.13 -15.14 0.20
N LEU B 39 2.16 -16.32 0.79
CA LEU B 39 3.46 -16.87 1.31
C LEU B 39 4.40 -17.41 0.27
N VAL B 40 3.90 -18.28 -0.59
CA VAL B 40 4.75 -18.94 -1.62
C VAL B 40 5.30 -17.91 -2.66
N THR B 41 4.54 -16.83 -2.91
CA THR B 41 4.95 -15.87 -3.92
C THR B 41 5.87 -14.85 -3.34
N SER B 42 6.28 -15.03 -2.09
CA SER B 42 7.01 -14.01 -1.39
C SER B 42 8.48 -14.37 -1.33
N VAL B 43 8.74 -15.66 -1.11
CA VAL B 43 10.11 -16.21 -0.88
C VAL B 43 10.27 -17.57 -1.57
N PRO B 44 11.34 -17.72 -2.42
CA PRO B 44 11.59 -19.07 -2.99
C PRO B 44 12.09 -20.03 -1.90
N GLY B 45 11.44 -21.20 -1.81
CA GLY B 45 11.76 -22.24 -0.80
C GLY B 45 11.34 -21.98 0.65
N VAL B 46 10.51 -20.95 0.90
CA VAL B 46 9.82 -20.84 2.18
C VAL B 46 9.06 -22.16 2.44
N LYS B 47 9.18 -22.71 3.64
CA LYS B 47 8.27 -23.79 4.03
C LYS B 47 7.22 -23.23 5.04
N PHE B 48 5.96 -23.70 4.94
CA PHE B 48 4.92 -23.13 5.78
C PHE B 48 3.69 -24.02 5.92
N GLY B 49 2.81 -23.61 6.83
CA GLY B 49 1.52 -24.25 6.90
C GLY B 49 0.59 -23.22 7.41
N ILE B 50 -0.62 -23.18 6.86
CA ILE B 50 -1.45 -22.04 7.24
C ILE B 50 -2.82 -22.57 7.64
N ALA B 51 -3.42 -22.07 8.73
CA ALA B 51 -4.75 -22.58 9.09
C ALA B 51 -5.65 -21.41 9.47
N PHE B 52 -6.97 -21.59 9.28
CA PHE B 52 -7.97 -20.54 9.33
C PHE B 52 -9.27 -21.11 9.92
N CYS B 53 -9.84 -20.42 10.93
CA CYS B 53 -11.10 -20.82 11.56
C CYS B 53 -12.36 -20.31 10.86
N GLU B 54 -12.88 -21.06 9.88
CA GLU B 54 -14.24 -20.86 9.32
C GLU B 54 -15.28 -20.77 10.48
N ALA B 55 -16.09 -19.70 10.56
CA ALA B 55 -16.86 -19.35 11.75
C ALA B 55 -18.38 -19.50 11.59
N SER B 56 -18.75 -19.85 10.38
CA SER B 56 -20.14 -20.17 10.04
C SER B 56 -20.10 -21.39 9.13
N GLY B 57 -21.27 -21.95 8.78
CA GLY B 57 -21.35 -23.13 7.88
C GLY B 57 -20.80 -24.34 8.59
N LYS B 58 -20.05 -25.17 7.86
CA LYS B 58 -19.49 -26.39 8.41
C LYS B 58 -18.40 -26.17 9.47
N ARG B 59 -17.94 -24.90 9.62
CA ARG B 59 -17.06 -24.50 10.76
C ARG B 59 -15.80 -25.33 10.86
N LEU B 60 -15.18 -25.54 9.70
CA LEU B 60 -14.02 -26.41 9.62
C LEU B 60 -12.75 -25.60 9.62
N VAL B 61 -11.72 -26.09 10.30
CA VAL B 61 -10.40 -25.43 10.26
C VAL B 61 -9.97 -25.74 8.84
N ARG B 62 -9.68 -24.67 8.07
CA ARG B 62 -9.29 -24.82 6.64
C ARG B 62 -7.76 -24.74 6.53
N HIS B 63 -7.11 -25.44 5.60
CA HIS B 63 -5.63 -25.35 5.67
C HIS B 63 -4.91 -25.63 4.40
N GLU B 64 -3.70 -25.07 4.27
CA GLU B 64 -2.81 -25.33 3.15
C GLU B 64 -1.36 -25.29 3.66
N ALA B 65 -0.44 -26.00 3.00
CA ALA B 65 0.97 -26.11 3.47
C ALA B 65 1.90 -26.80 2.46
N ASN B 66 3.21 -26.49 2.56
CA ASN B 66 4.21 -27.23 1.79
C ASN B 66 5.19 -28.05 2.69
N ASP B 67 4.75 -28.28 3.95
CA ASP B 67 5.45 -28.95 5.06
C ASP B 67 4.42 -29.49 6.09
N GLU B 68 4.47 -30.78 6.38
CA GLU B 68 3.45 -31.41 7.23
C GLU B 68 3.65 -31.06 8.68
N GLU B 69 4.91 -30.90 9.10
CA GLU B 69 5.22 -30.47 10.49
C GLU B 69 4.61 -29.09 10.76
N LEU B 70 4.84 -28.14 9.85
CA LEU B 70 4.24 -26.77 9.91
C LEU B 70 2.74 -26.75 9.77
N ARG B 71 2.18 -27.68 8.98
CA ARG B 71 0.72 -27.68 8.75
C ARG B 71 -0.03 -28.16 9.96
N ASN B 72 0.50 -29.17 10.67
CA ASN B 72 -0.11 -29.64 11.91
C ASN B 72 0.04 -28.68 13.08
N LEU B 73 1.24 -28.13 13.24
CA LEU B 73 1.43 -27.02 14.20
C LEU B 73 0.38 -25.89 13.99
N ALA B 74 0.02 -25.59 12.73
CA ALA B 74 -0.96 -24.51 12.45
C ALA B 74 -2.38 -24.93 12.79
N ILE B 75 -2.77 -26.14 12.38
CA ILE B 75 -4.12 -26.69 12.67
C ILE B 75 -4.34 -26.75 14.18
N ASP B 76 -3.39 -27.37 14.89
CA ASP B 76 -3.42 -27.43 16.35
C ASP B 76 -3.60 -26.05 17.08
N LEU B 77 -2.87 -25.02 16.67
CA LEU B 77 -3.15 -23.67 17.24
C LEU B 77 -4.62 -23.25 17.00
N CYS B 78 -5.08 -23.43 15.77
CA CYS B 78 -6.45 -23.11 15.43
C CYS B 78 -7.48 -23.80 16.37
N LYS B 79 -7.32 -25.11 16.56
CA LYS B 79 -8.18 -25.96 17.45
C LYS B 79 -8.16 -25.57 18.94
N LYS B 80 -7.00 -25.12 19.45
CA LYS B 80 -6.82 -24.52 20.78
C LYS B 80 -7.49 -23.12 20.90
N ILE B 81 -6.89 -22.09 20.29
CA ILE B 81 -7.55 -20.78 20.18
C ILE B 81 -9.09 -20.94 20.02
N ALA B 82 -9.53 -21.73 19.03
CA ALA B 82 -10.99 -22.11 18.81
C ALA B 82 -11.90 -20.87 18.80
N ALA B 83 -11.44 -19.89 18.00
CA ALA B 83 -12.06 -18.57 17.78
C ALA B 83 -12.33 -18.31 16.29
N GLY B 84 -13.57 -17.94 15.99
CA GLY B 84 -13.99 -17.77 14.61
C GLY B 84 -13.27 -16.61 13.95
N HIS B 85 -12.79 -16.91 12.73
CA HIS B 85 -12.08 -16.01 11.81
C HIS B 85 -10.64 -15.71 12.12
N VAL B 86 -10.05 -16.46 13.07
CA VAL B 86 -8.59 -16.36 13.38
C VAL B 86 -7.73 -17.19 12.40
N PHE B 87 -6.54 -16.67 12.03
CA PHE B 87 -5.66 -17.56 11.27
C PHE B 87 -4.34 -17.72 11.96
N VAL B 88 -3.71 -18.89 11.78
CA VAL B 88 -2.34 -19.14 12.21
C VAL B 88 -1.50 -19.52 10.97
N ILE B 89 -0.26 -19.03 10.88
CA ILE B 89 0.74 -19.39 9.87
C ILE B 89 2.03 -19.68 10.64
N TYR B 90 2.67 -20.82 10.36
CA TYR B 90 4.06 -21.08 10.81
C TYR B 90 4.91 -21.17 9.53
N ILE B 91 6.14 -20.64 9.58
CA ILE B 91 7.01 -20.51 8.38
C ILE B 91 8.43 -20.95 8.72
N ARG B 92 9.11 -21.66 7.80
CA ARG B 92 10.56 -21.83 7.88
C ARG B 92 11.13 -21.26 6.62
N ASN B 93 12.39 -20.82 6.74
CA ASN B 93 13.25 -20.33 5.63
C ASN B 93 12.86 -18.95 5.16
N ALA B 94 12.39 -18.16 6.10
CA ALA B 94 11.75 -16.82 5.85
C ALA B 94 11.46 -16.28 7.20
N TRP B 95 11.59 -14.96 7.29
CA TRP B 95 11.36 -14.20 8.51
C TRP B 95 9.97 -13.54 8.35
N PRO B 96 9.24 -13.29 9.46
CA PRO B 96 8.04 -12.49 9.29
C PRO B 96 8.25 -11.20 8.41
N ILE B 97 9.39 -10.55 8.49
CA ILE B 97 9.58 -9.39 7.68
C ILE B 97 9.49 -9.63 6.16
N ASN B 98 9.83 -10.84 5.69
CA ASN B 98 9.83 -11.07 4.27
C ASN B 98 8.40 -11.11 3.74
N VAL B 99 7.41 -11.17 4.63
CA VAL B 99 6.02 -11.57 4.20
C VAL B 99 4.87 -10.75 4.81
N LEU B 100 5.09 -10.13 5.96
CA LEU B 100 4.02 -9.31 6.58
C LEU B 100 3.32 -8.25 5.69
N ASN B 101 4.02 -7.52 4.82
CA ASN B 101 3.29 -6.51 4.03
C ASN B 101 2.20 -7.15 3.11
N ALA B 102 2.54 -8.33 2.55
CA ALA B 102 1.57 -9.02 1.66
C ALA B 102 0.39 -9.54 2.44
N ILE B 103 0.63 -10.03 3.66
CA ILE B 103 -0.44 -10.52 4.54
C ILE B 103 -1.40 -9.39 4.90
N LYS B 104 -0.86 -8.25 5.25
CA LYS B 104 -1.65 -7.08 5.58
C LYS B 104 -2.60 -6.61 4.49
N ASN B 105 -2.11 -6.67 3.24
CA ASN B 105 -2.83 -6.37 1.96
C ASN B 105 -3.82 -7.42 1.39
N VAL B 106 -3.82 -8.62 1.96
CA VAL B 106 -4.79 -9.63 1.59
C VAL B 106 -6.14 -9.02 2.00
N PRO B 107 -7.09 -8.76 1.05
CA PRO B 107 -8.33 -8.08 1.33
C PRO B 107 -9.23 -8.71 2.48
N GLU B 108 -9.13 -10.04 2.67
CA GLU B 108 -9.79 -10.72 3.79
C GLU B 108 -9.17 -10.49 5.17
N VAL B 109 -7.85 -10.18 5.24
CA VAL B 109 -7.19 -9.99 6.55
C VAL B 109 -7.54 -8.65 7.16
N VAL B 110 -8.07 -8.68 8.37
CA VAL B 110 -8.50 -7.44 9.06
C VAL B 110 -7.54 -6.95 10.13
N ARG B 111 -6.72 -7.84 10.72
CA ARG B 111 -5.73 -7.49 11.74
C ARG B 111 -4.76 -8.66 11.93
N ILE B 112 -3.55 -8.35 12.37
CA ILE B 112 -2.54 -9.29 12.76
C ILE B 112 -2.23 -9.03 14.26
N PHE B 113 -2.23 -10.08 15.09
CA PHE B 113 -1.99 -9.97 16.59
C PHE B 113 -0.55 -10.11 16.91
N ALA B 114 0.11 -11.12 16.32
CA ALA B 114 1.58 -11.38 16.52
C ALA B 114 2.26 -11.95 15.28
N ALA B 115 3.55 -11.60 15.14
CA ALA B 115 4.57 -12.21 14.26
C ALA B 115 5.83 -12.31 15.13
N THR B 116 6.31 -13.53 15.41
CA THR B 116 7.26 -13.73 16.50
C THR B 116 7.79 -15.16 16.52
N ALA B 117 9.02 -15.33 17.09
CA ALA B 117 9.60 -16.64 17.48
C ALA B 117 9.71 -16.75 19.00
N ASN B 118 9.56 -15.62 19.70
CA ASN B 118 9.68 -15.57 21.17
C ASN B 118 8.65 -16.50 21.81
N PRO B 119 8.86 -16.89 23.09
CA PRO B 119 7.73 -17.49 23.87
C PRO B 119 6.44 -16.59 23.85
N LEU B 120 5.29 -17.21 23.53
CA LEU B 120 4.03 -16.50 23.20
C LEU B 120 2.82 -17.22 23.79
N LYS B 121 1.91 -16.41 24.31
CA LYS B 121 0.57 -16.79 24.75
C LYS B 121 -0.45 -15.92 24.00
N VAL B 122 -1.60 -16.52 23.73
CA VAL B 122 -2.80 -15.88 23.26
C VAL B 122 -3.82 -15.89 24.39
N ILE B 123 -4.35 -14.69 24.67
CA ILE B 123 -5.45 -14.49 25.59
C ILE B 123 -6.74 -14.53 24.84
N VAL B 124 -7.58 -15.52 25.16
CA VAL B 124 -8.87 -15.70 24.51
C VAL B 124 -10.04 -15.46 25.49
N ALA B 125 -11.06 -14.71 25.07
CA ALA B 125 -12.33 -14.68 25.81
C ALA B 125 -13.33 -15.78 25.32
N GLU B 126 -14.02 -16.45 26.26
CA GLU B 126 -15.16 -17.26 25.94
C GLU B 126 -16.42 -16.66 26.55
N VAL B 127 -17.34 -16.16 25.75
CA VAL B 127 -18.50 -15.46 26.24
C VAL B 127 -19.60 -16.46 26.40
N GLU B 128 -19.60 -17.54 25.60
CA GLU B 128 -20.57 -18.61 25.72
C GLU B 128 -19.88 -19.87 25.26
N PRO B 129 -20.49 -21.08 25.47
CA PRO B 129 -19.84 -22.24 24.91
C PRO B 129 -19.89 -22.11 23.37
N GLU B 130 -18.78 -22.48 22.71
CA GLU B 130 -18.61 -22.33 21.25
C GLU B 130 -18.52 -20.92 20.74
N ARG B 131 -18.46 -19.90 21.59
CA ARG B 131 -18.33 -18.48 21.13
C ARG B 131 -17.07 -17.72 21.66
N ARG B 132 -16.05 -17.55 20.82
CA ARG B 132 -14.73 -17.12 21.31
C ARG B 132 -14.02 -16.09 20.46
N GLY B 133 -13.18 -15.32 21.12
CA GLY B 133 -12.49 -14.18 20.45
C GLY B 133 -11.17 -13.86 21.11
N VAL B 134 -10.16 -13.48 20.33
CA VAL B 134 -8.85 -13.18 20.85
C VAL B 134 -8.80 -11.78 21.46
N VAL B 135 -8.23 -11.73 22.66
CA VAL B 135 -8.22 -10.50 23.39
C VAL B 135 -6.85 -9.80 23.37
N GLY B 136 -5.83 -10.54 22.92
CA GLY B 136 -4.50 -10.14 23.21
C GLY B 136 -3.49 -11.23 23.05
N VAL B 137 -2.25 -10.80 23.10
CA VAL B 137 -1.12 -11.68 23.08
C VAL B 137 -0.09 -11.18 24.04
N VAL B 138 0.71 -12.15 24.51
CA VAL B 138 1.79 -11.94 25.40
C VAL B 138 3.03 -12.44 24.67
N ASP B 139 3.76 -11.55 24.06
CA ASP B 139 4.81 -11.92 23.14
C ASP B 139 6.14 -11.69 23.85
N GLY B 140 6.77 -12.76 24.33
CA GLY B 140 8.11 -12.63 24.90
C GLY B 140 7.93 -12.06 26.30
N HIS B 141 8.95 -11.35 26.79
CA HIS B 141 8.97 -10.93 28.17
C HIS B 141 9.15 -9.40 28.30
N SER B 142 8.85 -8.94 29.50
CA SER B 142 8.88 -7.51 29.87
C SER B 142 10.31 -7.04 29.94
N PRO B 143 10.58 -5.75 29.72
CA PRO B 143 11.99 -5.20 29.72
C PRO B 143 12.81 -5.30 31.03
N LEU B 144 14.14 -5.33 30.92
CA LEU B 144 15.03 -5.44 32.11
C LEU B 144 15.74 -4.14 32.45
N GLY B 145 15.87 -3.28 31.44
CA GLY B 145 16.50 -1.97 31.61
C GLY B 145 16.43 -1.18 30.32
N VAL B 146 17.09 -0.04 30.31
CA VAL B 146 17.05 0.85 29.17
C VAL B 146 18.45 0.76 28.50
N GLU B 147 18.42 0.60 27.17
CA GLU B 147 19.54 0.61 26.26
C GLU B 147 20.55 1.72 26.54
N THR B 148 21.82 1.38 26.65
CA THR B 148 22.86 2.43 26.87
C THR B 148 23.41 2.81 25.48
N GLU B 149 24.08 3.95 25.42
CA GLU B 149 24.73 4.34 24.20
C GLU B 149 25.62 3.21 23.71
N LYS B 150 26.04 2.32 24.62
CA LYS B 150 26.91 1.20 24.27
C LYS B 150 26.08 0.07 23.69
N ASP B 151 24.97 -0.27 24.34
CA ASP B 151 24.06 -1.25 23.80
C ASP B 151 23.63 -0.82 22.40
N ARG B 152 23.43 0.49 22.23
CA ARG B 152 23.09 1.07 20.92
C ARG B 152 24.08 0.74 19.80
N GLU B 153 25.38 0.91 20.11
CA GLU B 153 26.49 0.69 19.16
C GLU B 153 26.62 -0.76 18.71
N GLU B 154 26.37 -1.67 19.64
CA GLU B 154 26.26 -3.10 19.38
C GLU B 154 24.96 -3.51 18.62
N ARG B 155 23.91 -2.71 18.72
CA ARG B 155 22.74 -2.97 17.93
C ARG B 155 22.93 -2.37 16.50
N LYS B 156 23.52 -1.18 16.42
CA LYS B 156 24.01 -0.66 15.11
C LYS B 156 24.87 -1.68 14.35
N LYS B 157 25.94 -2.20 15.00
CA LYS B 157 26.79 -3.32 14.48
C LYS B 157 26.01 -4.65 14.08
N PHE B 158 25.08 -5.11 14.92
CA PHE B 158 24.26 -6.30 14.60
C PHE B 158 23.48 -6.13 13.28
N LEU B 159 22.89 -4.94 13.06
CA LEU B 159 22.04 -4.74 11.84
C LEU B 159 22.88 -4.43 10.60
N ARG B 160 24.16 -4.08 10.76
CA ARG B 160 24.96 -3.66 9.65
C ARG B 160 25.86 -4.76 9.21
N GLU B 161 26.57 -5.35 10.17
CA GLU B 161 27.66 -6.32 9.96
C GLU B 161 27.25 -7.77 10.06
N VAL B 162 26.30 -8.08 10.93
CA VAL B 162 25.86 -9.46 11.11
C VAL B 162 24.76 -9.76 10.08
N VAL B 163 23.63 -9.01 10.15
CA VAL B 163 22.41 -9.28 9.37
C VAL B 163 22.38 -8.52 8.06
N LYS B 164 23.01 -7.36 8.03
CA LYS B 164 23.26 -6.64 6.79
C LYS B 164 22.00 -6.02 6.22
N TYR B 165 21.10 -5.67 7.14
CA TYR B 165 19.83 -5.07 6.80
C TYR B 165 19.93 -3.54 6.71
N LYS B 166 20.96 -3.02 7.38
CA LYS B 166 21.34 -1.59 7.28
C LYS B 166 22.75 -1.44 6.77
N LEU B 167 23.12 -0.20 6.41
CA LEU B 167 24.47 0.19 5.96
C LEU B 167 25.15 1.24 6.84
N ILE C 6 -12.80 -2.82 36.52
CA ILE C 6 -12.77 -2.83 35.05
C ILE C 6 -13.92 -3.75 34.86
N LYS C 7 -15.03 -3.23 34.32
CA LYS C 7 -16.12 -4.11 33.85
C LYS C 7 -16.05 -4.40 32.34
N PHE C 8 -16.29 -5.66 32.00
CA PHE C 8 -16.34 -6.11 30.64
C PHE C 8 -17.83 -6.21 30.30
N GLU C 9 -18.18 -5.73 29.12
CA GLU C 9 -19.56 -5.60 28.69
C GLU C 9 -19.67 -6.14 27.24
N LEU C 10 -20.66 -6.98 26.96
CA LEU C 10 -20.79 -7.69 25.69
C LEU C 10 -21.86 -6.96 24.90
N ILE C 11 -21.50 -6.43 23.73
CA ILE C 11 -22.50 -5.83 22.86
C ILE C 11 -22.76 -6.78 21.72
N ASP C 12 -24.03 -7.10 21.50
CA ASP C 12 -24.46 -7.93 20.37
C ASP C 12 -24.65 -7.00 19.14
N VAL C 13 -24.18 -7.47 17.99
CA VAL C 13 -24.28 -6.63 16.82
C VAL C 13 -25.35 -7.10 15.90
N PRO C 14 -26.43 -6.30 15.70
CA PRO C 14 -27.49 -6.59 14.69
C PRO C 14 -27.05 -6.70 13.19
N ILE C 15 -27.08 -7.88 12.58
CA ILE C 15 -26.81 -7.94 11.15
C ILE C 15 -27.96 -8.47 10.27
N PRO C 16 -28.84 -7.55 9.78
CA PRO C 16 -29.89 -7.79 8.78
C PRO C 16 -29.37 -8.61 7.62
N GLN C 17 -30.19 -9.54 7.12
CA GLN C 17 -29.92 -10.31 5.90
C GLN C 17 -29.56 -9.33 4.80
N GLY C 18 -28.40 -9.55 4.19
CA GLY C 18 -27.95 -8.63 3.13
C GLY C 18 -27.03 -7.51 3.57
N THR C 19 -26.90 -7.26 4.85
CA THR C 19 -25.78 -6.46 5.31
C THR C 19 -24.47 -7.21 5.73
N ASN C 20 -23.34 -6.51 5.60
CA ASN C 20 -22.10 -6.84 6.32
C ASN C 20 -21.74 -5.69 7.30
N VAL C 21 -20.87 -5.90 8.28
CA VAL C 21 -20.50 -4.86 9.24
C VAL C 21 -18.96 -4.80 9.36
N ILE C 22 -18.45 -3.59 9.57
CA ILE C 22 -17.06 -3.39 9.68
C ILE C 22 -16.92 -2.44 10.84
N ILE C 23 -16.04 -2.75 11.77
CA ILE C 23 -15.96 -2.04 13.06
C ILE C 23 -14.43 -1.82 13.29
N GLY C 24 -14.00 -0.60 13.50
CA GLY C 24 -12.60 -0.46 13.85
C GLY C 24 -12.35 0.71 14.74
N GLN C 25 -11.10 1.12 14.81
CA GLN C 25 -10.73 2.31 15.59
C GLN C 25 -10.00 3.33 14.72
N ALA C 26 -10.26 4.60 14.92
CA ALA C 26 -9.54 5.61 14.15
C ALA C 26 -9.23 6.75 15.09
N HIS C 27 -9.19 7.96 14.55
CA HIS C 27 -8.98 9.24 15.30
C HIS C 27 -9.24 10.42 14.38
N PHE C 28 -9.59 11.57 14.97
CA PHE C 28 -9.79 12.85 14.30
C PHE C 28 -11.07 12.83 13.51
N ILE C 29 -11.81 13.94 13.64
CA ILE C 29 -13.12 14.21 13.03
C ILE C 29 -13.21 13.92 11.51
N LYS C 30 -12.06 14.07 10.85
CA LYS C 30 -11.95 13.95 9.41
C LYS C 30 -12.26 12.47 9.03
N THR C 31 -12.06 11.55 9.99
CA THR C 31 -12.45 10.14 9.83
C THR C 31 -13.76 9.91 9.08
N VAL C 32 -14.83 10.61 9.47
CA VAL C 32 -16.17 10.39 8.94
C VAL C 32 -16.35 10.70 7.41
N GLU C 33 -15.67 11.75 6.93
CA GLU C 33 -15.71 12.12 5.51
C GLU C 33 -14.86 11.18 4.74
N ASP C 34 -13.67 10.88 5.27
CA ASP C 34 -12.69 9.95 4.65
C ASP C 34 -13.18 8.53 4.49
N LEU C 35 -13.82 7.97 5.52
CA LEU C 35 -14.57 6.73 5.39
C LEU C 35 -15.72 6.75 4.36
N TYR C 36 -16.46 7.87 4.26
CA TYR C 36 -17.59 8.01 3.32
C TYR C 36 -17.04 7.94 1.89
N GLU C 37 -15.99 8.73 1.61
CA GLU C 37 -15.29 8.68 0.31
C GLU C 37 -14.65 7.30 -0.08
N ALA C 38 -14.03 6.60 0.89
CA ALA C 38 -13.49 5.24 0.70
C ALA C 38 -14.59 4.33 0.22
N LEU C 39 -15.77 4.42 0.84
CA LEU C 39 -16.91 3.59 0.49
C LEU C 39 -17.51 3.94 -0.86
N VAL C 40 -17.83 5.19 -1.09
CA VAL C 40 -18.53 5.55 -2.34
C VAL C 40 -17.67 5.45 -3.64
N THR C 41 -16.35 5.44 -3.47
CA THR C 41 -15.43 5.35 -4.61
C THR C 41 -14.87 3.89 -4.82
N SER C 42 -15.40 2.97 -4.01
CA SER C 42 -15.08 1.56 -4.12
C SER C 42 -15.94 0.74 -5.10
N VAL C 43 -17.24 0.92 -4.99
CA VAL C 43 -18.21 0.07 -5.63
C VAL C 43 -19.32 1.02 -6.05
N PRO C 44 -19.58 1.17 -7.37
CA PRO C 44 -20.69 2.06 -7.83
C PRO C 44 -22.11 1.88 -7.11
N GLY C 45 -22.49 0.66 -6.76
CA GLY C 45 -23.85 0.52 -6.29
C GLY C 45 -24.07 0.57 -4.78
N VAL C 46 -22.99 0.71 -4.01
CA VAL C 46 -23.02 0.41 -2.57
C VAL C 46 -24.02 1.30 -1.75
N LYS C 47 -24.81 0.70 -0.88
CA LYS C 47 -25.48 1.49 0.12
C LYS C 47 -24.77 1.27 1.47
N PHE C 48 -24.58 2.34 2.22
CA PHE C 48 -23.88 2.20 3.50
C PHE C 48 -24.30 3.27 4.46
N GLY C 49 -23.99 3.06 5.72
CA GLY C 49 -24.03 4.14 6.70
C GLY C 49 -22.77 3.94 7.48
N ILE C 50 -22.18 5.06 7.86
CA ILE C 50 -20.94 5.14 8.60
C ILE C 50 -21.11 6.10 9.82
N ALA C 51 -20.60 5.72 10.99
CA ALA C 51 -20.69 6.55 12.17
C ALA C 51 -19.35 6.55 12.95
N PHE C 52 -19.00 7.66 13.56
CA PHE C 52 -17.75 7.76 14.23
C PHE C 52 -18.00 8.36 15.61
N CYS C 53 -17.30 7.87 16.61
CA CYS C 53 -17.48 8.38 17.98
C CYS C 53 -16.44 9.40 18.21
N GLU C 54 -16.76 10.67 17.92
CA GLU C 54 -15.95 11.80 18.39
C GLU C 54 -15.64 11.74 19.92
N ALA C 55 -14.37 11.72 20.31
CA ALA C 55 -13.96 11.31 21.63
C ALA C 55 -13.61 12.49 22.52
N SER C 56 -13.65 13.68 21.94
CA SER C 56 -13.34 14.91 22.71
C SER C 56 -14.33 15.98 22.29
N GLY C 57 -14.32 17.12 22.98
CA GLY C 57 -15.04 18.32 22.49
C GLY C 57 -16.53 18.12 22.62
N LYS C 58 -17.28 18.49 21.60
CA LYS C 58 -18.69 18.11 21.55
C LYS C 58 -19.00 16.61 21.85
N ARG C 59 -18.01 15.73 21.64
CA ARG C 59 -18.15 14.26 21.75
C ARG C 59 -19.40 13.69 21.09
N LEU C 60 -19.63 13.96 19.82
CA LEU C 60 -20.85 13.43 19.24
C LEU C 60 -20.68 12.25 18.24
N VAL C 61 -21.73 11.43 18.07
CA VAL C 61 -21.69 10.42 16.97
C VAL C 61 -21.85 11.16 15.66
N ARG C 62 -20.80 11.20 14.83
CA ARG C 62 -20.83 11.80 13.46
C ARG C 62 -21.15 10.67 12.50
N HIS C 63 -22.06 10.94 11.55
CA HIS C 63 -22.48 9.95 10.52
C HIS C 63 -22.65 10.54 9.07
N GLU C 64 -22.58 9.66 8.09
CA GLU C 64 -22.79 9.94 6.68
C GLU C 64 -23.39 8.66 6.22
N ALA C 65 -24.23 8.73 5.22
CA ALA C 65 -24.95 7.56 4.81
C ALA C 65 -25.45 7.87 3.43
N ASN C 66 -26.00 6.84 2.76
CA ASN C 66 -26.83 7.04 1.59
C ASN C 66 -27.99 6.07 1.68
N ASP C 67 -28.24 5.57 2.89
CA ASP C 67 -29.35 4.65 3.21
C ASP C 67 -29.73 4.87 4.68
N GLU C 68 -30.96 5.35 4.90
CA GLU C 68 -31.42 5.78 6.22
C GLU C 68 -31.40 4.66 7.21
N GLU C 69 -31.83 3.48 6.78
CA GLU C 69 -31.79 2.24 7.60
C GLU C 69 -30.36 1.91 8.01
N LEU C 70 -29.46 1.90 7.05
CA LEU C 70 -28.06 1.62 7.31
C LEU C 70 -27.39 2.74 8.12
N ARG C 71 -27.79 4.00 7.89
CA ARG C 71 -27.31 5.13 8.69
C ARG C 71 -27.61 4.93 10.16
N ASN C 72 -28.79 4.40 10.46
CA ASN C 72 -29.26 4.23 11.84
C ASN C 72 -28.70 3.03 12.54
N LEU C 73 -28.41 2.01 11.74
CA LEU C 73 -27.78 0.82 12.24
C LEU C 73 -26.41 1.20 12.72
N ALA C 74 -25.71 2.00 11.92
CA ALA C 74 -24.40 2.63 12.21
C ALA C 74 -24.43 3.45 13.53
N ILE C 75 -25.24 4.52 13.60
CA ILE C 75 -25.38 5.33 14.79
C ILE C 75 -25.76 4.50 16.03
N ASP C 76 -26.67 3.54 15.87
CA ASP C 76 -27.18 2.65 16.96
C ASP C 76 -26.02 1.77 17.58
N LEU C 77 -25.26 1.08 16.76
CA LEU C 77 -24.10 0.36 17.28
C LEU C 77 -23.00 1.31 17.93
N CYS C 78 -22.77 2.49 17.39
CA CYS C 78 -21.88 3.42 18.09
C CYS C 78 -22.34 3.73 19.50
N LYS C 79 -23.66 3.86 19.68
CA LYS C 79 -24.20 4.45 20.89
C LYS C 79 -24.09 3.48 21.98
N LYS C 80 -24.03 2.21 21.58
CA LYS C 80 -23.95 1.00 22.43
C LYS C 80 -22.53 0.62 22.89
N ILE C 81 -21.61 0.53 21.92
CA ILE C 81 -20.14 0.34 22.15
C ILE C 81 -19.72 1.51 23.05
N ALA C 82 -20.15 2.72 22.64
CA ALA C 82 -19.90 3.98 23.35
C ALA C 82 -18.45 4.06 23.75
N ALA C 83 -17.56 3.96 22.77
CA ALA C 83 -16.13 4.00 23.11
C ALA C 83 -15.48 4.95 22.21
N GLY C 84 -14.70 5.87 22.79
CA GLY C 84 -13.98 6.90 22.03
C GLY C 84 -13.19 6.36 20.82
N HIS C 85 -13.53 6.89 19.63
CA HIS C 85 -12.76 6.77 18.38
C HIS C 85 -13.06 5.57 17.57
N VAL C 86 -14.07 4.87 17.98
CA VAL C 86 -14.55 3.68 17.32
C VAL C 86 -15.50 4.10 16.17
N PHE C 87 -15.38 3.42 15.04
CA PHE C 87 -16.23 3.66 13.93
C PHE C 87 -16.93 2.40 13.53
N VAL C 88 -18.13 2.53 12.98
CA VAL C 88 -18.98 1.41 12.54
C VAL C 88 -19.48 1.77 11.11
N ILE C 89 -19.49 0.76 10.26
CA ILE C 89 -19.93 0.89 8.90
C ILE C 89 -20.87 -0.29 8.60
N TYR C 90 -22.03 -0.03 7.97
CA TYR C 90 -22.96 -1.11 7.51
C TYR C 90 -23.11 -1.03 6.02
N ILE C 91 -22.98 -2.15 5.31
CA ILE C 91 -22.97 -2.20 3.81
C ILE C 91 -23.89 -3.25 3.17
N ARG C 92 -24.69 -2.76 2.24
CA ARG C 92 -25.42 -3.55 1.29
C ARG C 92 -24.80 -3.41 -0.13
N ASN C 93 -24.96 -4.48 -0.94
CA ASN C 93 -24.59 -4.42 -2.35
C ASN C 93 -23.10 -4.22 -2.58
N ALA C 94 -22.29 -4.41 -1.49
CA ALA C 94 -20.84 -4.66 -1.53
C ALA C 94 -20.41 -5.64 -0.44
N TRP C 95 -19.27 -6.28 -0.62
CA TRP C 95 -18.73 -7.20 0.40
C TRP C 95 -17.57 -6.51 1.13
N PRO C 96 -17.24 -6.87 2.39
CA PRO C 96 -16.00 -6.25 2.92
C PRO C 96 -14.70 -6.26 2.04
N ILE C 97 -14.37 -7.39 1.45
CA ILE C 97 -13.25 -7.47 0.50
C ILE C 97 -13.26 -6.44 -0.63
N ASN C 98 -14.42 -5.88 -0.95
CA ASN C 98 -14.55 -4.89 -2.02
C ASN C 98 -13.96 -3.55 -1.55
N VAL C 99 -13.99 -3.32 -0.23
CA VAL C 99 -13.68 -1.98 0.43
C VAL C 99 -12.52 -2.01 1.48
N LEU C 100 -12.23 -3.20 2.01
CA LEU C 100 -11.38 -3.28 3.21
C LEU C 100 -10.03 -2.58 3.00
N ASN C 101 -9.32 -2.86 1.91
CA ASN C 101 -8.02 -2.24 1.68
C ASN C 101 -8.05 -0.72 1.61
N ALA C 102 -9.02 -0.12 0.92
CA ALA C 102 -9.22 1.32 0.96
C ALA C 102 -9.34 1.90 2.42
N ILE C 103 -10.12 1.22 3.25
CA ILE C 103 -10.38 1.55 4.65
C ILE C 103 -9.12 1.45 5.47
N LYS C 104 -8.25 0.44 5.23
CA LYS C 104 -6.90 0.27 5.83
C LYS C 104 -5.99 1.49 5.67
N ASN C 105 -6.08 2.12 4.51
CA ASN C 105 -5.18 3.12 4.09
C ASN C 105 -5.73 4.53 4.27
N VAL C 106 -6.82 4.64 4.99
CA VAL C 106 -7.35 5.96 5.32
C VAL C 106 -6.43 6.37 6.42
N PRO C 107 -5.69 7.53 6.29
CA PRO C 107 -4.73 7.92 7.35
C PRO C 107 -5.28 7.99 8.82
N GLU C 108 -6.57 8.23 9.00
CA GLU C 108 -7.08 8.39 10.35
C GLU C 108 -7.24 6.95 10.99
N VAL C 109 -7.45 5.93 10.15
CA VAL C 109 -7.73 4.53 10.63
C VAL C 109 -6.47 3.91 11.27
N VAL C 110 -6.57 3.50 12.52
CA VAL C 110 -5.43 2.85 13.20
C VAL C 110 -5.53 1.29 13.26
N ARG C 111 -6.74 0.72 13.42
CA ARG C 111 -6.98 -0.75 13.49
C ARG C 111 -8.36 -1.01 12.96
N ILE C 112 -8.59 -2.21 12.45
CA ILE C 112 -9.95 -2.82 12.20
C ILE C 112 -10.20 -4.08 13.10
N PHE C 113 -11.35 -4.11 13.84
CA PHE C 113 -11.59 -5.22 14.70
C PHE C 113 -12.37 -6.34 14.01
N ALA C 114 -13.31 -6.02 13.14
CA ALA C 114 -14.09 -7.12 12.53
C ALA C 114 -14.59 -6.68 11.18
N ALA C 115 -14.74 -7.65 10.28
CA ALA C 115 -15.41 -7.41 9.01
C ALA C 115 -16.19 -8.69 8.73
N THR C 116 -17.52 -8.62 8.75
CA THR C 116 -18.28 -9.87 8.88
C THR C 116 -19.78 -9.70 8.79
N ALA C 117 -20.44 -10.84 8.62
CA ALA C 117 -21.90 -10.91 8.59
C ALA C 117 -22.41 -12.04 9.49
N ASN C 118 -21.48 -12.64 10.23
CA ASN C 118 -21.80 -13.70 11.20
C ASN C 118 -22.42 -13.03 12.41
N PRO C 119 -23.16 -13.82 13.22
CA PRO C 119 -23.38 -13.52 14.64
C PRO C 119 -22.09 -13.01 15.31
N LEU C 120 -22.20 -11.87 15.97
CA LEU C 120 -21.00 -11.13 16.34
C LEU C 120 -21.19 -10.41 17.63
N LYS C 121 -20.20 -10.47 18.52
CA LYS C 121 -20.26 -9.67 19.76
C LYS C 121 -19.03 -8.80 19.84
N VAL C 122 -19.17 -7.61 20.42
CA VAL C 122 -18.07 -6.77 20.77
C VAL C 122 -17.84 -6.84 22.28
N ILE C 123 -16.60 -7.02 22.71
CA ILE C 123 -16.25 -6.90 24.12
C ILE C 123 -15.72 -5.49 24.38
N VAL C 124 -16.36 -4.81 25.29
CA VAL C 124 -16.02 -3.46 25.58
C VAL C 124 -15.58 -3.48 27.05
N ALA C 125 -14.46 -2.79 27.35
CA ALA C 125 -14.06 -2.58 28.74
C ALA C 125 -14.50 -1.18 29.16
N GLU C 126 -15.26 -1.05 30.25
CA GLU C 126 -15.45 0.25 30.91
C GLU C 126 -14.53 0.28 32.14
N VAL C 127 -13.58 1.22 32.08
CA VAL C 127 -12.64 1.40 33.22
C VAL C 127 -13.06 2.50 34.17
N GLU C 128 -13.93 3.37 33.72
CA GLU C 128 -14.32 4.53 34.50
C GLU C 128 -15.61 4.86 33.82
N PRO C 129 -16.54 5.50 34.51
CA PRO C 129 -17.69 5.96 33.73
C PRO C 129 -17.24 6.93 32.61
N GLU C 130 -17.86 6.80 31.44
CA GLU C 130 -17.56 7.65 30.29
C GLU C 130 -16.19 7.31 29.60
N ARG C 131 -15.49 6.29 30.11
CA ARG C 131 -14.15 5.91 29.62
C ARG C 131 -14.08 4.41 29.25
N ARG C 132 -14.31 4.15 27.96
CA ARG C 132 -14.56 2.82 27.42
C ARG C 132 -13.67 2.52 26.26
N GLY C 133 -13.28 1.26 26.09
CA GLY C 133 -12.56 0.96 24.87
C GLY C 133 -12.88 -0.47 24.47
N VAL C 134 -12.69 -0.80 23.18
CA VAL C 134 -12.84 -2.16 22.66
C VAL C 134 -11.64 -3.01 22.98
N VAL C 135 -11.94 -4.19 23.52
CA VAL C 135 -11.01 -5.17 23.95
C VAL C 135 -10.97 -6.41 23.02
N GLY C 136 -12.03 -6.64 22.21
CA GLY C 136 -12.03 -7.72 21.28
C GLY C 136 -13.38 -7.85 20.68
N VAL C 137 -13.49 -8.86 19.81
CA VAL C 137 -14.78 -9.27 19.24
C VAL C 137 -14.92 -10.80 19.27
N VAL C 138 -16.14 -11.28 19.06
CA VAL C 138 -16.45 -12.70 19.06
C VAL C 138 -17.19 -12.82 17.74
N ASP C 139 -16.51 -13.38 16.75
CA ASP C 139 -16.94 -13.35 15.35
C ASP C 139 -17.40 -14.75 15.01
N GLY C 140 -18.73 -14.92 15.06
CA GLY C 140 -19.39 -16.21 14.78
C GLY C 140 -18.89 -17.17 15.82
N HIS C 141 -18.67 -18.43 15.41
CA HIS C 141 -18.52 -19.57 16.34
C HIS C 141 -17.24 -20.38 16.14
N SER C 142 -16.89 -21.19 17.16
CA SER C 142 -15.72 -22.06 17.14
C SER C 142 -15.76 -23.22 16.15
N PRO C 143 -14.56 -23.71 15.77
CA PRO C 143 -14.43 -24.88 14.87
C PRO C 143 -15.07 -26.17 15.39
N LEU C 144 -15.80 -26.84 14.48
CA LEU C 144 -16.41 -28.12 14.75
C LEU C 144 -15.53 -29.29 14.23
N GLY C 145 -14.54 -29.01 13.37
CA GLY C 145 -13.63 -30.08 12.89
C GLY C 145 -12.53 -29.51 11.98
N VAL C 146 -11.59 -30.36 11.58
CA VAL C 146 -10.54 -30.04 10.62
C VAL C 146 -10.91 -30.48 9.21
N GLU C 147 -10.62 -29.64 8.21
CA GLU C 147 -10.91 -29.97 6.79
C GLU C 147 -10.35 -31.33 6.36
N THR C 148 -11.17 -32.17 5.70
CA THR C 148 -10.67 -33.35 4.93
C THR C 148 -10.25 -32.90 3.51
N GLU C 149 -9.79 -33.84 2.71
CA GLU C 149 -9.38 -33.45 1.34
C GLU C 149 -10.57 -33.34 0.41
N LYS C 150 -11.59 -34.14 0.73
CA LYS C 150 -12.92 -33.98 0.15
C LYS C 150 -13.50 -32.61 0.49
N ASP C 151 -13.28 -32.13 1.71
CA ASP C 151 -13.81 -30.88 2.13
C ASP C 151 -13.05 -29.84 1.40
N ARG C 152 -11.75 -30.06 1.25
CA ARG C 152 -10.84 -29.12 0.53
C ARG C 152 -11.21 -28.98 -0.97
N GLU C 153 -11.35 -30.09 -1.67
CA GLU C 153 -11.91 -30.09 -3.04
C GLU C 153 -13.16 -29.24 -3.21
N GLU C 154 -14.11 -29.40 -2.29
CA GLU C 154 -15.45 -28.76 -2.30
C GLU C 154 -15.44 -27.27 -1.95
N ARG C 155 -14.48 -26.85 -1.11
CA ARG C 155 -14.25 -25.42 -0.89
C ARG C 155 -13.61 -24.81 -2.13
N LYS C 156 -12.58 -25.48 -2.72
CA LYS C 156 -11.92 -25.04 -4.00
C LYS C 156 -12.90 -24.94 -5.13
N LYS C 157 -13.74 -25.98 -5.34
CA LYS C 157 -14.92 -25.93 -6.28
C LYS C 157 -15.86 -24.68 -6.09
N PHE C 158 -16.13 -24.40 -5.12
CA PHE C 158 -16.79 -23.20 -4.63
C PHE C 158 -15.94 -21.95 -4.99
N LEU C 159 -15.05 -21.74 -4.73
CA LEU C 159 -14.37 -20.46 -5.03
C LEU C 159 -14.27 -20.27 -6.56
N ARG C 160 -14.21 -21.39 -7.28
CA ARG C 160 -13.90 -21.45 -8.72
C ARG C 160 -15.15 -21.45 -9.63
N GLU C 161 -16.19 -22.15 -9.18
CA GLU C 161 -17.41 -22.36 -9.94
C GLU C 161 -18.59 -21.54 -9.45
N VAL C 162 -18.61 -21.22 -8.17
CA VAL C 162 -19.71 -20.42 -7.65
C VAL C 162 -19.54 -18.94 -7.42
N VAL C 163 -18.67 -18.54 -6.50
CA VAL C 163 -18.28 -17.13 -6.38
C VAL C 163 -17.32 -16.66 -7.48
N LYS C 164 -16.67 -17.62 -8.12
CA LYS C 164 -15.82 -17.29 -9.32
C LYS C 164 -14.60 -16.35 -9.01
N TYR C 165 -14.18 -16.37 -7.74
CA TYR C 165 -13.07 -15.58 -7.32
C TYR C 165 -11.76 -16.18 -7.61
N LYS C 166 -11.73 -17.51 -7.82
CA LYS C 166 -10.53 -18.17 -8.30
C LYS C 166 -10.72 -18.96 -9.61
N LEU C 167 -9.61 -19.31 -10.23
CA LEU C 167 -9.61 -19.94 -11.53
C LEU C 167 -9.06 -21.32 -11.34
N SER D 5 16.19 1.51 -38.26
CA SER D 5 16.44 2.48 -37.12
C SER D 5 15.38 2.31 -36.01
N ILE D 6 14.38 3.22 -35.93
CA ILE D 6 13.15 3.05 -35.09
C ILE D 6 11.86 3.60 -35.77
N LYS D 7 10.85 2.73 -35.88
CA LYS D 7 9.50 2.98 -36.40
C LYS D 7 8.49 3.20 -35.27
N PHE D 8 7.76 4.32 -35.31
CA PHE D 8 6.69 4.70 -34.37
C PHE D 8 5.40 4.50 -35.09
N GLU D 9 4.42 4.00 -34.36
CA GLU D 9 3.15 3.57 -34.94
C GLU D 9 2.13 4.00 -33.95
N LEU D 10 0.94 4.36 -34.44
CA LEU D 10 -0.14 4.92 -33.64
C LEU D 10 -1.41 4.07 -33.65
N ILE D 11 -1.81 3.62 -32.48
CA ILE D 11 -2.87 2.66 -32.42
C ILE D 11 -4.10 3.31 -31.80
N ASP D 12 -5.18 3.34 -32.58
CA ASP D 12 -6.43 3.81 -32.08
C ASP D 12 -7.13 2.78 -31.25
N VAL D 13 -7.63 3.21 -30.10
CA VAL D 13 -8.16 2.29 -29.13
C VAL D 13 -9.70 2.40 -29.09
N PRO D 14 -10.41 1.32 -29.50
CA PRO D 14 -11.89 1.29 -29.53
C PRO D 14 -12.45 1.31 -28.14
N ILE D 15 -13.36 2.22 -27.87
CA ILE D 15 -13.97 2.31 -26.51
C ILE D 15 -15.50 2.36 -26.64
N PRO D 16 -16.12 1.19 -26.72
CA PRO D 16 -17.57 1.22 -26.81
C PRO D 16 -18.18 2.01 -25.65
N GLN D 17 -19.26 2.76 -25.90
CA GLN D 17 -19.88 3.54 -24.83
C GLN D 17 -20.12 2.60 -23.64
N GLY D 18 -19.91 3.10 -22.42
CA GLY D 18 -20.13 2.32 -21.18
C GLY D 18 -18.95 1.46 -20.75
N THR D 19 -17.96 1.27 -21.63
CA THR D 19 -16.58 0.79 -21.28
C THR D 19 -15.53 1.87 -20.94
N ASN D 20 -14.57 1.43 -20.13
CA ASN D 20 -13.24 2.01 -19.89
C ASN D 20 -12.16 1.01 -20.16
N VAL D 21 -11.00 1.55 -20.47
CA VAL D 21 -9.83 0.72 -20.78
C VAL D 21 -8.70 1.09 -19.79
N ILE D 22 -7.90 0.10 -19.39
CA ILE D 22 -6.74 0.23 -18.54
C ILE D 22 -5.68 -0.52 -19.37
N ILE D 23 -4.58 0.15 -19.73
CA ILE D 23 -3.45 -0.46 -20.44
C ILE D 23 -2.23 -0.39 -19.51
N GLY D 24 -1.47 -1.48 -19.39
CA GLY D 24 -0.29 -1.47 -18.56
C GLY D 24 0.83 -2.33 -19.05
N GLN D 25 1.84 -2.54 -18.25
CA GLN D 25 2.92 -3.52 -18.60
C GLN D 25 3.24 -4.25 -17.36
N ALA D 26 3.47 -5.55 -17.51
CA ALA D 26 3.68 -6.42 -16.35
C ALA D 26 4.80 -7.40 -16.72
N HIS D 27 4.75 -8.64 -16.22
CA HIS D 27 5.71 -9.70 -16.56
C HIS D 27 5.16 -10.96 -15.92
N PHE D 28 5.58 -12.11 -16.46
CA PHE D 28 5.26 -13.43 -15.89
C PHE D 28 3.85 -13.89 -16.22
N ILE D 29 3.71 -15.19 -16.44
CA ILE D 29 2.47 -15.78 -16.96
C ILE D 29 1.31 -15.58 -15.96
N LYS D 30 1.65 -15.59 -14.66
CA LYS D 30 0.72 -15.39 -13.57
C LYS D 30 0.06 -13.99 -13.58
N THR D 31 0.59 -13.04 -14.34
CA THR D 31 -0.16 -11.76 -14.59
C THR D 31 -1.69 -11.92 -14.82
N VAL D 32 -2.06 -12.86 -15.68
CA VAL D 32 -3.39 -12.85 -16.24
C VAL D 32 -4.40 -13.38 -15.18
N GLU D 33 -4.00 -14.41 -14.41
CA GLU D 33 -4.89 -14.92 -13.37
C GLU D 33 -4.93 -13.90 -12.19
N ASP D 34 -3.82 -13.27 -11.87
CA ASP D 34 -3.81 -12.25 -10.80
C ASP D 34 -4.65 -10.99 -11.14
N LEU D 35 -4.60 -10.54 -12.40
CA LEU D 35 -5.54 -9.42 -12.86
C LEU D 35 -7.00 -9.80 -12.86
N TYR D 36 -7.26 -10.97 -13.42
CA TYR D 36 -8.59 -11.55 -13.30
C TYR D 36 -9.09 -11.42 -11.85
N GLU D 37 -8.32 -11.97 -10.89
CA GLU D 37 -8.70 -11.92 -9.48
C GLU D 37 -8.80 -10.48 -8.89
N ALA D 38 -7.81 -9.60 -9.16
CA ALA D 38 -7.92 -8.11 -8.83
C ALA D 38 -9.29 -7.58 -9.15
N LEU D 39 -9.76 -7.89 -10.35
CA LEU D 39 -10.98 -7.28 -10.90
C LEU D 39 -12.27 -7.78 -10.29
N VAL D 40 -12.40 -9.11 -10.27
CA VAL D 40 -13.58 -9.79 -9.85
C VAL D 40 -13.87 -9.58 -8.37
N THR D 41 -12.80 -9.50 -7.57
CA THR D 41 -12.93 -9.25 -6.14
C THR D 41 -13.16 -7.76 -5.80
N SER D 42 -13.22 -6.87 -6.80
CA SER D 42 -13.30 -5.43 -6.54
C SER D 42 -14.71 -4.79 -6.50
N VAL D 43 -15.58 -5.25 -7.38
CA VAL D 43 -16.93 -4.70 -7.56
C VAL D 43 -17.86 -5.87 -7.80
N PRO D 44 -18.88 -6.14 -6.95
CA PRO D 44 -19.67 -7.37 -7.21
C PRO D 44 -20.23 -7.61 -8.68
N GLY D 45 -20.72 -6.58 -9.37
CA GLY D 45 -21.29 -6.90 -10.69
C GLY D 45 -20.32 -6.84 -11.91
N VAL D 46 -19.03 -6.61 -11.66
CA VAL D 46 -18.08 -6.20 -12.72
C VAL D 46 -18.04 -7.05 -14.01
N LYS D 47 -18.15 -6.42 -15.18
CA LYS D 47 -17.90 -7.22 -16.38
C LYS D 47 -16.57 -6.80 -16.97
N PHE D 48 -15.77 -7.75 -17.47
CA PHE D 48 -14.40 -7.41 -17.93
C PHE D 48 -13.86 -8.36 -18.98
N GLY D 49 -12.89 -7.90 -19.77
CA GLY D 49 -11.92 -8.80 -20.40
C GLY D 49 -10.45 -8.43 -20.13
N ILE D 50 -9.55 -9.38 -20.17
CA ILE D 50 -8.18 -9.02 -19.90
C ILE D 50 -7.29 -9.80 -20.79
N ALA D 51 -6.32 -9.14 -21.44
CA ALA D 51 -5.36 -9.86 -22.27
C ALA D 51 -3.94 -9.49 -21.99
N PHE D 52 -3.05 -10.47 -22.13
CA PHE D 52 -1.66 -10.23 -21.79
C PHE D 52 -0.76 -10.82 -22.85
N CYS D 53 0.20 -10.04 -23.33
CA CYS D 53 1.12 -10.52 -24.32
C CYS D 53 2.35 -11.13 -23.64
N GLU D 54 2.34 -12.46 -23.55
CA GLU D 54 3.53 -13.29 -23.19
C GLU D 54 4.69 -13.00 -24.11
N ALA D 55 5.86 -12.69 -23.53
CA ALA D 55 6.96 -12.10 -24.34
C ALA D 55 8.12 -13.08 -24.69
N SER D 56 8.03 -14.28 -24.16
CA SER D 56 9.03 -15.29 -24.43
C SER D 56 8.32 -16.62 -24.55
N GLY D 57 9.08 -17.65 -24.88
CA GLY D 57 8.55 -19.00 -24.94
C GLY D 57 7.73 -19.12 -26.19
N LYS D 58 6.47 -19.52 -25.93
CA LYS D 58 5.44 -19.60 -26.97
C LYS D 58 5.00 -18.25 -27.46
N ARG D 59 4.88 -17.26 -26.59
CA ARG D 59 4.52 -15.90 -27.03
C ARG D 59 3.04 -15.81 -27.50
N LEU D 60 2.13 -16.33 -26.67
CA LEU D 60 0.71 -16.26 -26.89
C LEU D 60 0.11 -15.10 -26.12
N VAL D 61 -1.02 -14.57 -26.60
CA VAL D 61 -1.89 -13.60 -25.92
C VAL D 61 -2.72 -14.58 -25.09
N ARG D 62 -2.48 -14.44 -23.77
CA ARG D 62 -3.18 -15.08 -22.65
C ARG D 62 -4.39 -14.20 -22.32
N HIS D 63 -5.53 -14.80 -22.01
CA HIS D 63 -6.69 -14.00 -21.70
C HIS D 63 -7.58 -14.66 -20.68
N GLU D 64 -8.35 -13.84 -19.95
CA GLU D 64 -9.51 -14.25 -19.14
C GLU D 64 -10.63 -13.21 -19.26
N ALA D 65 -11.87 -13.61 -18.92
CA ALA D 65 -13.06 -12.78 -19.11
C ALA D 65 -14.24 -13.36 -18.41
N ASN D 66 -15.27 -12.52 -18.29
CA ASN D 66 -16.64 -13.01 -18.07
C ASN D 66 -17.60 -12.33 -19.01
N ASP D 67 -17.06 -11.71 -20.04
CA ASP D 67 -17.86 -11.09 -21.08
C ASP D 67 -17.06 -11.46 -22.34
N GLU D 68 -17.76 -11.87 -23.40
CA GLU D 68 -17.10 -12.18 -24.68
C GLU D 68 -16.77 -10.93 -25.55
N GLU D 69 -17.68 -9.93 -25.58
CA GLU D 69 -17.36 -8.67 -26.26
C GLU D 69 -16.03 -8.14 -25.66
N LEU D 70 -15.96 -8.09 -24.33
CA LEU D 70 -14.85 -7.38 -23.71
C LEU D 70 -13.57 -8.19 -23.80
N ARG D 71 -13.68 -9.53 -23.71
CA ARG D 71 -12.55 -10.45 -23.97
C ARG D 71 -11.89 -10.17 -25.33
N ASN D 72 -12.75 -9.89 -26.31
CA ASN D 72 -12.37 -9.77 -27.71
C ASN D 72 -11.74 -8.43 -28.05
N LEU D 73 -12.39 -7.32 -27.66
CA LEU D 73 -11.71 -6.01 -27.53
C LEU D 73 -10.29 -6.12 -26.89
N ALA D 74 -10.19 -6.83 -25.76
CA ALA D 74 -8.88 -6.92 -25.11
C ALA D 74 -7.78 -7.65 -25.94
N ILE D 75 -8.15 -8.82 -26.50
CA ILE D 75 -7.26 -9.54 -27.41
C ILE D 75 -6.91 -8.78 -28.70
N ASP D 76 -7.89 -8.13 -29.35
CA ASP D 76 -7.59 -7.37 -30.57
C ASP D 76 -6.53 -6.33 -30.25
N LEU D 77 -6.64 -5.77 -29.03
CA LEU D 77 -5.85 -4.58 -28.70
C LEU D 77 -4.35 -4.95 -28.52
N CYS D 78 -4.15 -6.07 -27.84
CA CYS D 78 -2.90 -6.78 -27.69
C CYS D 78 -2.38 -7.34 -29.01
N LYS D 79 -3.25 -7.81 -29.88
CA LYS D 79 -2.80 -8.12 -31.22
C LYS D 79 -2.27 -6.88 -32.02
N LYS D 80 -2.98 -5.73 -31.93
CA LYS D 80 -2.56 -4.44 -32.51
C LYS D 80 -1.31 -3.85 -31.87
N ILE D 81 -1.28 -3.77 -30.54
CA ILE D 81 -0.09 -3.25 -29.83
C ILE D 81 1.07 -4.23 -30.05
N ALA D 82 0.84 -5.53 -29.85
CA ALA D 82 1.84 -6.55 -30.13
C ALA D 82 3.18 -6.24 -29.41
N ALA D 83 3.14 -5.77 -28.16
CA ALA D 83 4.37 -5.43 -27.40
C ALA D 83 4.53 -6.41 -26.22
N GLY D 84 5.65 -7.12 -26.16
CA GLY D 84 5.95 -7.97 -25.01
C GLY D 84 5.60 -7.33 -23.68
N HIS D 85 4.88 -8.12 -22.90
CA HIS D 85 4.53 -7.94 -21.48
C HIS D 85 3.47 -6.89 -21.22
N VAL D 86 2.74 -6.48 -22.29
CA VAL D 86 1.71 -5.51 -22.19
C VAL D 86 0.41 -6.24 -21.91
N PHE D 87 -0.40 -5.62 -21.07
CA PHE D 87 -1.75 -6.09 -20.82
C PHE D 87 -2.90 -5.09 -21.18
N VAL D 88 -4.10 -5.63 -21.37
CA VAL D 88 -5.18 -4.75 -21.73
C VAL D 88 -6.42 -5.18 -20.95
N ILE D 89 -7.01 -4.26 -20.20
CA ILE D 89 -8.28 -4.48 -19.54
C ILE D 89 -9.38 -3.57 -20.01
N TYR D 90 -10.52 -4.18 -20.33
CA TYR D 90 -11.72 -3.44 -20.67
C TYR D 90 -12.75 -3.74 -19.56
N ILE D 91 -13.47 -2.71 -19.08
CA ILE D 91 -14.43 -2.84 -17.95
C ILE D 91 -15.80 -2.18 -18.23
N ARG D 92 -16.86 -2.83 -17.77
CA ARG D 92 -18.23 -2.32 -17.76
C ARG D 92 -18.64 -2.48 -16.34
N ASN D 93 -19.63 -1.69 -15.87
CA ASN D 93 -20.18 -1.87 -14.50
C ASN D 93 -19.18 -1.73 -13.38
N ALA D 94 -17.98 -1.23 -13.73
CA ALA D 94 -17.05 -0.60 -12.73
C ALA D 94 -16.38 0.63 -13.36
N TRP D 95 -15.98 1.60 -12.55
CA TRP D 95 -15.13 2.72 -12.97
C TRP D 95 -13.68 2.27 -12.71
N PRO D 96 -12.71 2.77 -13.53
CA PRO D 96 -11.31 2.52 -13.06
C PRO D 96 -10.89 2.89 -11.63
N ILE D 97 -11.41 3.98 -11.05
CA ILE D 97 -11.07 4.28 -9.64
C ILE D 97 -11.43 3.18 -8.68
N ASN D 98 -12.40 2.32 -9.05
CA ASN D 98 -12.86 1.24 -8.19
C ASN D 98 -11.85 0.07 -8.20
N VAL D 99 -10.99 0.07 -9.19
CA VAL D 99 -10.21 -1.11 -9.43
C VAL D 99 -8.74 -0.85 -9.49
N LEU D 100 -8.37 0.44 -9.63
CA LEU D 100 -7.03 0.72 -10.02
C LEU D 100 -5.96 0.43 -8.93
N ASN D 101 -6.24 0.72 -7.68
CA ASN D 101 -5.22 0.49 -6.67
C ASN D 101 -4.91 -1.01 -6.44
N ALA D 102 -5.92 -1.85 -6.62
CA ALA D 102 -5.71 -3.29 -6.62
C ALA D 102 -4.87 -3.79 -7.82
N ILE D 103 -5.07 -3.27 -9.05
CA ILE D 103 -4.08 -3.47 -10.16
C ILE D 103 -2.62 -3.06 -9.81
N LYS D 104 -2.43 -1.85 -9.34
CA LYS D 104 -1.12 -1.34 -8.91
C LYS D 104 -0.39 -2.31 -8.03
N ASN D 105 -1.11 -2.88 -7.07
CA ASN D 105 -0.56 -3.81 -6.09
C ASN D 105 -0.39 -5.29 -6.50
N VAL D 106 -0.85 -5.67 -7.69
CA VAL D 106 -0.53 -6.95 -8.28
C VAL D 106 1.01 -7.04 -8.51
N PRO D 107 1.67 -7.99 -7.87
CA PRO D 107 3.13 -8.06 -7.86
C PRO D 107 3.82 -8.09 -9.26
N GLU D 108 3.13 -8.63 -10.28
CA GLU D 108 3.64 -8.67 -11.63
C GLU D 108 3.57 -7.29 -12.35
N VAL D 109 2.59 -6.44 -12.00
CA VAL D 109 2.33 -5.16 -12.69
C VAL D 109 3.49 -4.26 -12.35
N VAL D 110 4.33 -3.94 -13.35
CA VAL D 110 5.38 -2.90 -13.18
C VAL D 110 4.87 -1.47 -13.43
N ARG D 111 3.90 -1.31 -14.32
CA ARG D 111 3.56 0.02 -14.83
C ARG D 111 2.12 0.07 -15.35
N ILE D 112 1.49 1.23 -15.26
CA ILE D 112 0.18 1.51 -15.92
C ILE D 112 0.27 2.76 -16.88
N PHE D 113 -0.13 2.60 -18.15
CA PHE D 113 -0.02 3.68 -19.15
C PHE D 113 -1.17 4.65 -19.20
N ALA D 114 -2.40 4.12 -19.11
CA ALA D 114 -3.62 4.81 -19.30
C ALA D 114 -4.73 4.11 -18.53
N ALA D 115 -5.71 4.92 -18.12
CA ALA D 115 -6.99 4.51 -17.56
C ALA D 115 -8.06 5.54 -17.93
N THR D 116 -8.99 5.20 -18.84
CA THR D 116 -9.84 6.32 -19.49
C THR D 116 -10.98 5.76 -20.28
N ALA D 117 -11.92 6.60 -20.71
CA ALA D 117 -12.88 6.24 -21.75
C ALA D 117 -12.79 7.32 -22.80
N ASN D 118 -11.78 8.19 -22.75
CA ASN D 118 -11.62 9.23 -23.77
C ASN D 118 -11.09 8.60 -25.04
N PRO D 119 -11.21 9.32 -26.17
CA PRO D 119 -10.36 9.18 -27.39
C PRO D 119 -8.94 8.94 -26.96
N LEU D 120 -8.33 7.88 -27.49
CA LEU D 120 -7.09 7.32 -26.95
C LEU D 120 -6.33 6.60 -28.02
N LYS D 121 -5.03 6.86 -28.07
CA LYS D 121 -4.15 6.19 -29.03
C LYS D 121 -3.00 5.71 -28.24
N VAL D 122 -2.36 4.60 -28.70
CA VAL D 122 -1.08 4.11 -28.12
C VAL D 122 0.08 4.38 -29.10
N ILE D 123 1.18 4.92 -28.58
CA ILE D 123 2.43 5.07 -29.37
C ILE D 123 3.29 3.89 -29.14
N VAL D 124 3.46 3.07 -30.18
CA VAL D 124 4.31 1.87 -30.05
C VAL D 124 5.63 2.11 -30.85
N ALA D 125 6.78 1.79 -30.27
CA ALA D 125 8.01 1.81 -31.06
C ALA D 125 8.23 0.39 -31.49
N GLU D 126 8.47 0.17 -32.78
CA GLU D 126 8.93 -1.16 -33.23
C GLU D 126 10.39 -0.97 -33.72
N VAL D 127 11.34 -1.64 -33.01
CA VAL D 127 12.77 -1.26 -33.10
C VAL D 127 13.51 -2.23 -34.04
N GLU D 128 12.95 -3.44 -34.09
CA GLU D 128 13.39 -4.58 -34.87
C GLU D 128 12.16 -5.39 -35.28
N PRO D 129 12.33 -6.33 -36.23
CA PRO D 129 11.21 -7.23 -36.51
C PRO D 129 10.78 -7.97 -35.25
N GLU D 130 9.53 -7.78 -34.80
CA GLU D 130 8.98 -8.53 -33.69
C GLU D 130 9.47 -8.09 -32.29
N ARG D 131 10.04 -6.89 -32.21
CA ARG D 131 10.59 -6.26 -31.00
C ARG D 131 9.89 -4.89 -30.90
N ARG D 132 8.82 -4.85 -30.16
CA ARG D 132 8.01 -3.68 -29.95
C ARG D 132 7.90 -3.29 -28.46
N GLY D 133 7.70 -2.00 -28.22
CA GLY D 133 7.33 -1.53 -26.88
C GLY D 133 6.49 -0.26 -26.89
N VAL D 134 5.80 -0.04 -25.78
CA VAL D 134 5.04 1.18 -25.60
C VAL D 134 5.89 2.39 -25.21
N VAL D 135 5.77 3.38 -26.07
CA VAL D 135 6.49 4.63 -25.92
C VAL D 135 5.55 5.51 -25.11
N GLY D 136 4.25 5.46 -25.33
CA GLY D 136 3.32 6.24 -24.52
C GLY D 136 1.91 6.30 -25.09
N VAL D 137 1.22 7.35 -24.71
CA VAL D 137 -0.25 7.38 -24.84
C VAL D 137 -0.71 8.81 -25.20
N VAL D 138 -1.83 8.90 -25.93
CA VAL D 138 -2.45 10.17 -26.15
C VAL D 138 -3.84 10.07 -25.57
N ASP D 139 -4.10 10.65 -24.38
CA ASP D 139 -5.39 10.47 -23.65
C ASP D 139 -6.35 11.71 -23.77
N GLY D 140 -7.30 11.63 -24.69
CA GLY D 140 -8.18 12.73 -24.93
C GLY D 140 -7.41 13.88 -25.53
N HIS D 141 -7.95 15.08 -25.25
CA HIS D 141 -7.62 16.28 -25.96
C HIS D 141 -6.91 17.26 -25.06
N SER D 142 -6.06 18.06 -25.68
CA SER D 142 -5.31 19.09 -24.98
C SER D 142 -6.27 20.20 -24.45
N PRO D 143 -5.76 21.13 -23.58
CA PRO D 143 -6.72 22.11 -23.00
C PRO D 143 -7.27 23.27 -23.85
N LEU D 144 -8.53 23.65 -23.61
CA LEU D 144 -9.20 24.72 -24.29
C LEU D 144 -9.05 26.06 -23.52
N GLY D 145 -8.64 25.98 -22.26
CA GLY D 145 -8.24 27.14 -21.47
C GLY D 145 -8.13 26.75 -20.03
N VAL D 146 -8.21 27.75 -19.15
CA VAL D 146 -8.05 27.59 -17.70
C VAL D 146 -9.42 27.75 -16.99
N GLU D 147 -9.70 26.84 -16.07
CA GLU D 147 -10.89 26.93 -15.23
C GLU D 147 -11.07 28.28 -14.50
N THR D 148 -12.22 28.96 -14.65
CA THR D 148 -12.50 30.14 -13.84
C THR D 148 -13.06 29.75 -12.46
N GLU D 149 -13.15 30.68 -11.51
CA GLU D 149 -13.84 30.37 -10.23
C GLU D 149 -15.29 29.90 -10.41
N LYS D 150 -15.98 30.42 -11.42
CA LYS D 150 -17.31 29.87 -11.68
C LYS D 150 -17.26 28.45 -12.26
N ASP D 151 -16.26 28.16 -13.09
CA ASP D 151 -16.07 26.77 -13.53
C ASP D 151 -15.91 25.84 -12.31
N ARG D 152 -14.95 26.15 -11.42
CA ARG D 152 -14.70 25.42 -10.17
C ARG D 152 -15.99 25.01 -9.42
N GLU D 153 -16.98 25.88 -9.46
CA GLU D 153 -18.13 25.78 -8.59
C GLU D 153 -19.13 24.80 -9.12
N GLU D 154 -19.19 24.63 -10.45
CA GLU D 154 -20.02 23.59 -11.10
C GLU D 154 -19.35 22.24 -11.00
N ARG D 155 -18.04 22.20 -11.16
CA ARG D 155 -17.33 20.90 -10.88
C ARG D 155 -17.40 20.43 -9.39
N LYS D 156 -17.32 21.35 -8.44
CA LYS D 156 -17.58 21.08 -7.03
C LYS D 156 -18.99 20.54 -6.80
N LYS D 157 -19.96 21.20 -7.44
CA LYS D 157 -21.38 20.80 -7.44
C LYS D 157 -21.55 19.44 -8.09
N PHE D 158 -20.79 19.22 -9.17
CA PHE D 158 -20.83 17.94 -9.86
C PHE D 158 -20.37 16.80 -8.95
N LEU D 159 -19.27 17.01 -8.22
CA LEU D 159 -18.65 16.01 -7.35
C LEU D 159 -19.49 15.77 -6.11
N ARG D 160 -20.11 16.81 -5.57
CA ARG D 160 -20.99 16.69 -4.40
C ARG D 160 -22.43 16.26 -4.69
N GLU D 161 -23.02 16.80 -5.77
CA GLU D 161 -24.45 16.59 -5.97
C GLU D 161 -24.78 15.63 -7.12
N VAL D 162 -23.92 15.59 -8.14
CA VAL D 162 -24.17 14.70 -9.26
C VAL D 162 -23.61 13.31 -8.99
N VAL D 163 -22.30 13.23 -8.70
CA VAL D 163 -21.67 11.90 -8.47
C VAL D 163 -21.51 11.56 -7.02
N LYS D 164 -21.66 12.54 -6.16
CA LYS D 164 -21.65 12.33 -4.73
C LYS D 164 -20.39 11.69 -4.15
N TYR D 165 -19.22 12.04 -4.68
CA TYR D 165 -17.96 11.35 -4.30
C TYR D 165 -17.32 12.20 -3.26
N LYS D 166 -17.91 13.42 -3.07
CA LYS D 166 -17.42 14.47 -2.12
C LYS D 166 -18.53 14.99 -1.23
N LEU D 167 -18.16 15.58 -0.09
CA LEU D 167 -19.20 16.23 0.76
C LEU D 167 -19.07 17.73 0.69
N SER E 5 16.53 17.26 -33.64
CA SER E 5 16.57 17.70 -32.19
C SER E 5 16.34 16.67 -31.08
N ILE E 6 15.92 15.43 -31.41
CA ILE E 6 15.98 14.29 -30.44
C ILE E 6 16.72 13.14 -31.14
N LYS E 7 17.65 12.51 -30.43
CA LYS E 7 18.24 11.26 -30.89
C LYS E 7 17.67 10.09 -30.04
N PHE E 8 17.07 9.10 -30.67
CA PHE E 8 16.84 7.86 -30.00
C PHE E 8 18.02 6.84 -30.21
N GLU E 9 18.48 6.29 -29.10
CA GLU E 9 19.50 5.27 -29.05
C GLU E 9 18.89 3.98 -28.34
N LEU E 10 19.39 2.80 -28.68
CA LEU E 10 18.89 1.51 -28.11
C LEU E 10 19.96 0.84 -27.30
N ILE E 11 19.67 0.55 -26.05
CA ILE E 11 20.62 -0.07 -25.16
C ILE E 11 20.10 -1.50 -24.93
N ASP E 12 20.80 -2.49 -25.47
CA ASP E 12 20.62 -3.94 -25.24
C ASP E 12 21.10 -4.32 -23.86
N VAL E 13 20.25 -5.03 -23.10
CA VAL E 13 20.49 -5.32 -21.70
C VAL E 13 20.95 -6.79 -21.54
N PRO E 14 22.25 -6.99 -21.13
CA PRO E 14 22.75 -8.37 -20.84
C PRO E 14 22.03 -9.02 -19.60
N ILE E 15 21.51 -10.23 -19.76
CA ILE E 15 20.88 -10.98 -18.66
C ILE E 15 21.42 -12.45 -18.58
N PRO E 16 22.53 -12.63 -17.83
CA PRO E 16 23.05 -14.00 -17.72
C PRO E 16 22.06 -14.92 -17.02
N GLN E 17 21.81 -16.09 -17.58
CA GLN E 17 21.00 -17.16 -16.92
C GLN E 17 21.01 -17.23 -15.36
N GLY E 18 19.81 -17.17 -14.76
CA GLY E 18 19.67 -16.98 -13.32
C GLY E 18 19.53 -15.54 -12.76
N THR E 19 19.64 -14.53 -13.61
CA THR E 19 19.52 -13.15 -13.15
C THR E 19 18.33 -12.56 -13.86
N ASN E 20 17.54 -11.78 -13.09
CA ASN E 20 16.52 -10.85 -13.57
C ASN E 20 16.97 -9.40 -13.36
N VAL E 21 16.48 -8.51 -14.20
CA VAL E 21 16.87 -7.09 -14.10
C VAL E 21 15.59 -6.36 -13.77
N ILE E 22 15.69 -5.25 -13.01
CA ILE E 22 14.58 -4.31 -12.79
C ILE E 22 15.08 -2.93 -13.14
N ILE E 23 14.32 -2.19 -13.95
CA ILE E 23 14.77 -0.85 -14.35
C ILE E 23 13.68 0.14 -14.01
N GLY E 24 14.06 1.24 -13.36
CA GLY E 24 13.07 2.31 -13.16
C GLY E 24 13.69 3.68 -12.98
N GLN E 25 12.89 4.60 -12.52
CA GLN E 25 13.30 5.94 -12.23
C GLN E 25 12.93 6.32 -10.78
N ALA E 26 13.83 7.04 -10.15
CA ALA E 26 13.71 7.46 -8.77
C ALA E 26 14.22 8.88 -8.78
N HIS E 27 14.69 9.36 -7.63
CA HIS E 27 15.19 10.73 -7.46
C HIS E 27 15.81 10.71 -6.11
N PHE E 28 16.86 11.51 -5.89
CA PHE E 28 17.54 11.65 -4.55
C PHE E 28 18.52 10.49 -4.25
N ILE E 29 19.64 10.84 -3.62
CA ILE E 29 20.74 9.87 -3.41
C ILE E 29 20.42 8.77 -2.40
N LYS E 30 19.45 9.00 -1.50
CA LYS E 30 19.03 7.97 -0.56
C LYS E 30 18.48 6.79 -1.31
N THR E 31 18.11 7.00 -2.57
CA THR E 31 17.59 5.92 -3.42
C THR E 31 18.38 4.63 -3.36
N VAL E 32 19.71 4.71 -3.40
CA VAL E 32 20.54 3.49 -3.36
C VAL E 32 20.42 2.70 -2.06
N GLU E 33 20.30 3.40 -0.93
CA GLU E 33 20.23 2.74 0.36
C GLU E 33 18.88 2.11 0.59
N ASP E 34 17.83 2.83 0.22
CA ASP E 34 16.48 2.33 0.35
C ASP E 34 16.24 1.08 -0.54
N LEU E 35 16.72 1.15 -1.78
CA LEU E 35 16.73 0.02 -2.69
C LEU E 35 17.45 -1.19 -2.12
N TYR E 36 18.74 -1.10 -1.77
CA TYR E 36 19.45 -2.15 -0.99
C TYR E 36 18.59 -2.83 0.15
N GLU E 37 18.11 -2.02 1.12
CA GLU E 37 17.23 -2.48 2.18
C GLU E 37 15.98 -3.18 1.68
N ALA E 38 15.32 -2.65 0.65
CA ALA E 38 14.14 -3.33 0.04
C ALA E 38 14.54 -4.72 -0.47
N LEU E 39 15.67 -4.80 -1.17
CA LEU E 39 16.19 -6.11 -1.67
C LEU E 39 16.48 -7.05 -0.52
N VAL E 40 17.46 -6.71 0.31
CA VAL E 40 17.91 -7.60 1.40
C VAL E 40 16.90 -8.00 2.46
N THR E 41 15.85 -7.21 2.70
CA THR E 41 14.88 -7.62 3.74
C THR E 41 13.72 -8.45 3.12
N SER E 42 13.70 -8.61 1.80
CA SER E 42 12.62 -9.23 1.08
C SER E 42 12.72 -10.78 1.03
N VAL E 43 13.95 -11.30 0.88
CA VAL E 43 14.22 -12.74 0.68
C VAL E 43 15.57 -13.03 1.35
N PRO E 44 15.68 -14.10 2.20
CA PRO E 44 16.99 -14.53 2.72
C PRO E 44 17.88 -15.15 1.64
N GLY E 45 19.14 -14.76 1.61
CA GLY E 45 20.03 -15.28 0.55
C GLY E 45 19.76 -14.82 -0.88
N VAL E 46 18.96 -13.78 -1.02
CA VAL E 46 18.97 -13.01 -2.25
C VAL E 46 20.42 -12.48 -2.54
N LYS E 47 20.88 -12.54 -3.78
CA LYS E 47 21.96 -11.63 -4.13
C LYS E 47 21.67 -10.88 -5.34
N PHE E 48 22.29 -9.72 -5.37
CA PHE E 48 21.84 -8.60 -6.14
C PHE E 48 23.00 -7.59 -6.20
N GLY E 49 22.85 -6.68 -7.15
CA GLY E 49 23.57 -5.44 -7.16
C GLY E 49 22.53 -4.38 -7.57
N ILE E 50 22.71 -3.16 -7.10
CA ILE E 50 21.88 -2.06 -7.50
C ILE E 50 22.80 -0.87 -7.79
N ALA E 51 22.48 -0.09 -8.83
CA ALA E 51 23.24 1.11 -9.25
C ALA E 51 22.25 2.27 -9.50
N PHE E 52 22.64 3.49 -9.14
CA PHE E 52 21.71 4.55 -9.29
C PHE E 52 22.38 5.69 -9.99
N CYS E 53 21.72 6.32 -10.96
CA CYS E 53 22.36 7.44 -11.66
C CYS E 53 22.02 8.77 -11.04
N GLU E 54 22.82 9.16 -10.05
CA GLU E 54 22.82 10.51 -9.48
C GLU E 54 22.89 11.56 -10.53
N ALA E 55 21.85 12.38 -10.63
CA ALA E 55 21.64 13.22 -11.79
C ALA E 55 22.27 14.61 -11.74
N SER E 56 22.91 14.94 -10.63
CA SER E 56 23.55 16.26 -10.55
C SER E 56 24.59 16.25 -9.45
N GLY E 57 25.17 17.40 -9.10
CA GLY E 57 26.36 17.47 -8.25
C GLY E 57 27.51 16.67 -8.87
N LYS E 58 28.13 15.81 -8.07
CA LYS E 58 29.18 14.92 -8.59
C LYS E 58 28.74 13.95 -9.73
N ARG E 59 27.46 13.62 -9.82
CA ARG E 59 26.93 12.84 -10.99
C ARG E 59 27.40 11.37 -11.13
N LEU E 60 27.40 10.65 -10.01
CA LEU E 60 28.03 9.37 -9.99
C LEU E 60 27.07 8.21 -10.00
N VAL E 61 27.43 7.14 -10.72
CA VAL E 61 26.68 5.87 -10.58
C VAL E 61 27.02 5.40 -9.17
N ARG E 62 26.00 5.43 -8.29
CA ARG E 62 26.13 5.04 -6.86
C ARG E 62 25.68 3.58 -6.78
N HIS E 63 26.31 2.77 -5.95
CA HIS E 63 26.03 1.33 -6.00
C HIS E 63 26.15 0.69 -4.60
N GLU E 64 25.52 -0.47 -4.45
CA GLU E 64 25.57 -1.36 -3.32
C GLU E 64 25.32 -2.70 -3.98
N ALA E 65 25.72 -3.75 -3.29
CA ALA E 65 25.73 -5.14 -3.77
C ALA E 65 26.07 -6.09 -2.60
N ASN E 66 25.80 -7.37 -2.78
CA ASN E 66 26.43 -8.39 -1.94
C ASN E 66 27.02 -9.51 -2.82
N ASP E 67 27.06 -9.20 -4.12
CA ASP E 67 27.64 -10.03 -5.15
C ASP E 67 28.39 -9.13 -6.12
N GLU E 68 29.65 -9.47 -6.35
CA GLU E 68 30.54 -8.70 -7.23
C GLU E 68 30.20 -8.73 -8.72
N GLU E 69 29.80 -9.90 -9.24
CA GLU E 69 29.26 -10.00 -10.57
C GLU E 69 28.01 -9.11 -10.76
N LEU E 70 26.99 -9.32 -9.91
CA LEU E 70 25.71 -8.60 -10.04
C LEU E 70 25.86 -7.10 -9.85
N ARG E 71 26.88 -6.64 -9.11
CA ARG E 71 27.18 -5.22 -8.90
C ARG E 71 27.62 -4.56 -10.18
N ASN E 72 28.69 -5.10 -10.80
CA ASN E 72 29.19 -4.61 -12.11
C ASN E 72 28.20 -4.76 -13.27
N LEU E 73 27.40 -5.83 -13.29
CA LEU E 73 26.28 -5.86 -14.22
C LEU E 73 25.43 -4.51 -14.10
N ALA E 74 25.04 -4.14 -12.88
CA ALA E 74 24.16 -2.98 -12.65
C ALA E 74 24.87 -1.62 -12.93
N ILE E 75 26.11 -1.49 -12.45
CA ILE E 75 26.92 -0.27 -12.65
C ILE E 75 27.13 -0.05 -14.13
N ASP E 76 27.39 -1.15 -14.83
CA ASP E 76 27.61 -1.18 -16.27
C ASP E 76 26.39 -0.71 -17.07
N LEU E 77 25.22 -1.24 -16.72
CA LEU E 77 24.00 -0.95 -17.46
C LEU E 77 23.55 0.53 -17.27
N CYS E 78 23.82 1.12 -16.09
CA CYS E 78 23.68 2.59 -15.82
C CYS E 78 24.68 3.44 -16.58
N LYS E 79 25.88 2.88 -16.76
CA LYS E 79 26.91 3.60 -17.50
C LYS E 79 26.50 3.76 -18.94
N LYS E 80 25.78 2.75 -19.45
CA LYS E 80 25.35 2.60 -20.86
C LYS E 80 24.09 3.36 -21.16
N ILE E 81 23.06 3.22 -20.29
CA ILE E 81 21.82 4.05 -20.38
C ILE E 81 22.11 5.58 -20.19
N ALA E 82 22.96 5.91 -19.21
CA ALA E 82 23.42 7.28 -18.98
C ALA E 82 22.28 8.32 -18.91
N ALA E 83 21.25 8.01 -18.07
CA ALA E 83 20.03 8.86 -17.93
C ALA E 83 19.83 9.27 -16.49
N GLY E 84 19.72 10.56 -16.20
CA GLY E 84 19.55 10.97 -14.80
C GLY E 84 18.54 10.13 -14.03
N HIS E 85 18.80 9.85 -12.77
CA HIS E 85 17.79 9.21 -11.86
C HIS E 85 17.28 7.78 -12.15
N VAL E 86 17.83 7.15 -13.19
CA VAL E 86 17.56 5.76 -13.51
C VAL E 86 18.30 4.87 -12.51
N PHE E 87 17.62 3.84 -12.04
CA PHE E 87 18.22 2.77 -11.25
C PHE E 87 18.08 1.43 -11.98
N VAL E 88 19.04 0.54 -11.77
CA VAL E 88 19.02 -0.80 -12.36
C VAL E 88 19.40 -1.66 -11.21
N ILE E 89 18.69 -2.80 -11.09
CA ILE E 89 18.94 -3.84 -10.08
C ILE E 89 19.06 -5.15 -10.82
N TYR E 90 20.08 -5.94 -10.50
CA TYR E 90 20.17 -7.31 -10.96
C TYR E 90 20.01 -8.26 -9.78
N ILE E 91 19.24 -9.36 -9.92
CA ILE E 91 19.03 -10.33 -8.81
C ILE E 91 19.15 -11.78 -9.21
N ARG E 92 19.83 -12.56 -8.36
CA ARG E 92 19.71 -14.04 -8.32
C ARG E 92 19.01 -14.58 -7.06
N ASN E 93 18.49 -15.81 -7.17
CA ASN E 93 17.82 -16.52 -6.09
C ASN E 93 16.69 -15.67 -5.52
N ALA E 94 16.06 -14.87 -6.38
CA ALA E 94 14.83 -14.15 -6.02
C ALA E 94 14.14 -13.89 -7.35
N TRP E 95 12.80 -13.99 -7.40
CA TRP E 95 12.03 -13.53 -8.58
C TRP E 95 11.68 -12.03 -8.44
N PRO E 96 11.56 -11.24 -9.54
CA PRO E 96 11.08 -9.88 -9.27
C PRO E 96 9.74 -9.83 -8.53
N ILE E 97 8.88 -10.84 -8.66
CA ILE E 97 7.60 -10.82 -7.87
C ILE E 97 7.80 -10.93 -6.33
N ASN E 98 8.98 -11.43 -5.85
CA ASN E 98 9.27 -11.48 -4.41
C ASN E 98 9.75 -10.10 -3.80
N VAL E 99 10.08 -9.15 -4.69
CA VAL E 99 10.63 -7.86 -4.28
C VAL E 99 9.92 -6.62 -4.81
N LEU E 100 9.10 -6.76 -5.88
CA LEU E 100 8.58 -5.54 -6.59
C LEU E 100 7.71 -4.55 -5.81
N ASN E 101 6.81 -5.09 -5.03
CA ASN E 101 5.90 -4.27 -4.28
C ASN E 101 6.65 -3.41 -3.30
N ALA E 102 7.74 -3.94 -2.77
CA ALA E 102 8.56 -3.23 -1.80
C ALA E 102 9.19 -2.14 -2.56
N ILE E 103 9.65 -2.46 -3.77
CA ILE E 103 10.28 -1.45 -4.68
C ILE E 103 9.34 -0.31 -5.03
N LYS E 104 8.07 -0.58 -5.37
CA LYS E 104 7.02 0.44 -5.63
C LYS E 104 6.83 1.43 -4.51
N ASN E 105 6.98 0.91 -3.30
CA ASN E 105 6.78 1.65 -2.06
C ASN E 105 7.93 2.42 -1.50
N VAL E 106 9.07 2.39 -2.16
CA VAL E 106 10.26 3.18 -1.76
C VAL E 106 9.92 4.63 -2.15
N PRO E 107 9.94 5.60 -1.20
CA PRO E 107 9.40 6.91 -1.49
C PRO E 107 10.07 7.67 -2.64
N GLU E 108 11.37 7.43 -2.80
CA GLU E 108 12.18 7.92 -3.87
C GLU E 108 11.77 7.40 -5.23
N VAL E 109 11.33 6.13 -5.33
CA VAL E 109 11.05 5.49 -6.57
C VAL E 109 9.80 6.05 -7.19
N VAL E 110 9.86 6.50 -8.46
CA VAL E 110 8.65 7.13 -9.08
C VAL E 110 7.96 6.28 -10.16
N ARG E 111 8.74 5.46 -10.85
CA ARG E 111 8.22 4.57 -11.92
C ARG E 111 9.20 3.40 -12.16
N ILE E 112 8.67 2.27 -12.58
CA ILE E 112 9.39 1.05 -13.00
C ILE E 112 9.07 0.74 -14.48
N PHE E 113 10.11 0.50 -15.28
CA PHE E 113 10.01 0.43 -16.74
C PHE E 113 9.82 -1.03 -17.19
N ALA E 114 10.47 -1.96 -16.46
CA ALA E 114 10.63 -3.39 -16.76
C ALA E 114 11.07 -4.14 -15.53
N ALA E 115 10.62 -5.38 -15.38
CA ALA E 115 11.20 -6.37 -14.49
C ALA E 115 11.14 -7.59 -15.38
N THR E 116 12.30 -8.15 -15.70
CA THR E 116 12.31 -9.24 -16.71
C THR E 116 13.61 -10.03 -16.78
N ALA E 117 13.56 -11.23 -17.37
CA ALA E 117 14.79 -11.90 -17.81
C ALA E 117 14.74 -12.13 -19.30
N ASN E 118 13.92 -11.37 -20.02
CA ASN E 118 13.80 -11.56 -21.47
C ASN E 118 14.91 -10.82 -22.18
N PRO E 119 15.14 -11.12 -23.46
CA PRO E 119 15.86 -10.10 -24.18
C PRO E 119 15.11 -8.73 -24.10
N LEU E 120 15.89 -7.66 -23.94
CA LEU E 120 15.41 -6.35 -23.45
C LEU E 120 16.29 -5.25 -24.07
N LYS E 121 15.66 -4.20 -24.62
CA LYS E 121 16.37 -3.01 -24.95
C LYS E 121 15.65 -1.88 -24.24
N VAL E 122 16.41 -0.88 -23.89
CA VAL E 122 15.87 0.34 -23.34
C VAL E 122 16.06 1.34 -24.44
N ILE E 123 15.03 2.08 -24.77
CA ILE E 123 15.11 3.12 -25.78
C ILE E 123 15.32 4.35 -24.98
N VAL E 124 16.30 5.17 -25.37
CA VAL E 124 16.68 6.34 -24.61
C VAL E 124 16.63 7.47 -25.58
N ALA E 125 16.08 8.62 -25.15
CA ALA E 125 16.23 9.86 -25.88
C ALA E 125 17.32 10.74 -25.26
N GLU E 126 18.06 11.44 -26.13
CA GLU E 126 19.09 12.44 -25.77
C GLU E 126 18.67 13.70 -26.47
N VAL E 127 18.54 14.75 -25.69
CA VAL E 127 17.96 15.98 -26.18
C VAL E 127 18.99 17.08 -26.47
N GLU E 128 19.90 17.35 -25.52
CA GLU E 128 21.22 17.93 -25.73
C GLU E 128 22.29 16.85 -25.44
N PRO E 129 23.57 17.16 -25.68
CA PRO E 129 24.51 16.18 -25.07
C PRO E 129 24.52 16.20 -23.52
N GLU E 130 24.71 15.02 -22.91
CA GLU E 130 24.67 14.85 -21.43
C GLU E 130 23.24 14.66 -20.91
N ARG E 131 22.24 14.96 -21.72
CA ARG E 131 20.86 15.08 -21.26
C ARG E 131 19.94 13.98 -21.88
N ARG E 132 19.67 12.95 -21.08
CA ARG E 132 19.11 11.67 -21.55
C ARG E 132 17.94 11.18 -20.72
N GLY E 133 16.97 10.56 -21.41
CA GLY E 133 15.70 10.10 -20.76
C GLY E 133 15.31 8.73 -21.24
N VAL E 134 14.87 7.83 -20.36
CA VAL E 134 14.35 6.59 -20.83
C VAL E 134 12.94 6.86 -21.33
N VAL E 135 12.69 6.47 -22.59
CA VAL E 135 11.46 6.70 -23.32
C VAL E 135 10.58 5.48 -23.23
N GLY E 136 11.18 4.27 -23.17
CA GLY E 136 10.44 3.02 -23.10
C GLY E 136 11.40 1.83 -23.07
N VAL E 137 10.85 0.59 -23.07
CA VAL E 137 11.63 -0.65 -23.10
C VAL E 137 11.02 -1.49 -24.16
N VAL E 138 11.85 -2.41 -24.72
CA VAL E 138 11.35 -3.48 -25.55
C VAL E 138 11.62 -4.80 -24.86
N ASP E 139 10.66 -5.25 -24.07
CA ASP E 139 10.79 -6.44 -23.23
C ASP E 139 10.34 -7.71 -24.01
N GLY E 140 11.28 -8.45 -24.60
CA GLY E 140 10.96 -9.74 -25.18
C GLY E 140 10.55 -9.45 -26.60
N HIS E 141 9.69 -10.30 -27.15
CA HIS E 141 9.23 -10.25 -28.56
C HIS E 141 7.71 -10.17 -28.59
N SER E 142 7.15 -9.78 -29.76
CA SER E 142 5.68 -9.69 -30.02
C SER E 142 4.91 -11.04 -30.02
N PRO E 143 3.56 -11.02 -29.84
CA PRO E 143 2.85 -12.32 -29.84
C PRO E 143 2.85 -13.11 -31.13
N LEU E 144 3.00 -14.44 -31.01
CA LEU E 144 3.09 -15.29 -32.15
C LEU E 144 1.71 -15.86 -32.53
N GLY E 145 0.66 -15.48 -31.79
CA GLY E 145 -0.68 -16.12 -31.90
C GLY E 145 -1.46 -15.98 -30.61
N VAL E 146 -2.79 -16.13 -30.69
CA VAL E 146 -3.67 -16.15 -29.46
C VAL E 146 -3.56 -17.51 -28.76
N GLU E 147 -3.69 -17.56 -27.42
CA GLU E 147 -3.86 -18.83 -26.68
C GLU E 147 -5.23 -19.54 -26.89
N THR E 148 -5.15 -20.86 -26.99
CA THR E 148 -6.34 -21.68 -27.12
C THR E 148 -6.62 -22.33 -25.77
N GLU E 149 -7.86 -22.81 -25.62
CA GLU E 149 -8.25 -23.51 -24.43
C GLU E 149 -7.29 -24.64 -24.00
N LYS E 150 -6.53 -25.28 -24.91
CA LYS E 150 -5.47 -26.30 -24.51
C LYS E 150 -4.13 -25.70 -23.93
N ASP E 151 -3.61 -24.66 -24.59
CA ASP E 151 -2.58 -23.76 -24.08
C ASP E 151 -2.94 -23.07 -22.76
N ARG E 152 -4.22 -22.74 -22.54
CA ARG E 152 -4.74 -22.31 -21.23
C ARG E 152 -4.56 -23.37 -20.14
N GLU E 153 -4.96 -24.61 -20.46
CA GLU E 153 -4.78 -25.71 -19.52
C GLU E 153 -3.28 -25.87 -19.21
N GLU E 154 -2.41 -25.89 -20.24
CA GLU E 154 -0.95 -25.93 -20.03
C GLU E 154 -0.45 -24.96 -18.95
N ARG E 155 -0.90 -23.69 -19.05
CA ARG E 155 -0.48 -22.57 -18.26
C ARG E 155 -1.05 -22.64 -16.81
N LYS E 156 -2.36 -22.94 -16.66
CA LYS E 156 -3.00 -23.27 -15.36
C LYS E 156 -2.29 -24.44 -14.58
N LYS E 157 -2.02 -25.56 -15.27
CA LYS E 157 -1.33 -26.71 -14.66
C LYS E 157 0.11 -26.34 -14.26
N PHE E 158 0.74 -25.49 -15.07
CA PHE E 158 2.13 -25.13 -14.78
C PHE E 158 2.16 -24.27 -13.49
N LEU E 159 1.14 -23.46 -13.29
CA LEU E 159 1.03 -22.63 -12.09
C LEU E 159 0.67 -23.47 -10.86
N ARG E 160 -0.31 -24.36 -11.02
CA ARG E 160 -0.72 -25.35 -10.01
C ARG E 160 0.37 -26.43 -9.70
N GLU E 161 0.75 -27.23 -10.68
CA GLU E 161 1.65 -28.35 -10.43
C GLU E 161 3.21 -28.10 -10.45
N VAL E 162 3.69 -27.06 -11.13
CA VAL E 162 5.14 -26.96 -11.28
C VAL E 162 5.75 -25.91 -10.32
N VAL E 163 5.29 -24.64 -10.42
CA VAL E 163 5.78 -23.57 -9.60
C VAL E 163 5.00 -23.44 -8.31
N LYS E 164 3.78 -24.01 -8.34
CA LYS E 164 2.88 -24.14 -7.20
C LYS E 164 2.42 -22.81 -6.56
N TYR E 165 2.23 -21.81 -7.43
CA TYR E 165 1.72 -20.50 -7.08
C TYR E 165 0.18 -20.35 -6.96
N LYS E 166 -0.55 -21.28 -7.54
CA LYS E 166 -2.02 -21.35 -7.42
C LYS E 166 -2.38 -22.73 -6.94
N LEU E 167 -3.57 -22.79 -6.35
CA LEU E 167 -4.24 -24.05 -6.01
C LEU E 167 -5.31 -24.33 -7.06
N ILE F 6 4.19 11.94 -36.25
CA ILE F 6 4.62 12.34 -34.88
C ILE F 6 5.66 13.47 -34.83
N LYS F 7 5.37 14.45 -33.99
CA LYS F 7 6.24 15.54 -33.64
C LYS F 7 6.59 15.40 -32.16
N PHE F 8 7.89 15.52 -31.89
CA PHE F 8 8.46 15.54 -30.56
C PHE F 8 8.78 16.98 -30.20
N GLU F 9 8.33 17.44 -29.04
CA GLU F 9 8.49 18.82 -28.61
C GLU F 9 9.12 18.67 -27.24
N LEU F 10 9.92 19.66 -26.83
CA LEU F 10 10.61 19.59 -25.54
C LEU F 10 10.03 20.71 -24.73
N ILE F 11 9.58 20.39 -23.53
CA ILE F 11 8.89 21.35 -22.76
C ILE F 11 9.75 21.53 -21.52
N ASP F 12 10.35 22.73 -21.38
CA ASP F 12 11.34 23.01 -20.31
C ASP F 12 10.61 23.38 -19.04
N VAL F 13 11.01 22.80 -17.91
CA VAL F 13 10.33 23.00 -16.67
C VAL F 13 11.07 24.03 -15.73
N PRO F 14 10.45 25.21 -15.46
CA PRO F 14 10.99 26.14 -14.43
C PRO F 14 10.81 25.63 -12.99
N ILE F 15 11.93 25.66 -12.27
CA ILE F 15 11.95 25.23 -10.92
C ILE F 15 12.69 26.34 -10.16
N PRO F 16 11.96 27.34 -9.65
CA PRO F 16 12.55 28.32 -8.76
C PRO F 16 13.12 27.60 -7.53
N GLN F 17 14.22 28.11 -6.95
CA GLN F 17 14.89 27.35 -5.89
C GLN F 17 14.00 27.42 -4.67
N GLY F 18 13.97 26.22 -4.04
CA GLY F 18 13.09 25.90 -2.91
C GLY F 18 11.81 25.20 -3.38
N THR F 19 11.65 25.05 -4.71
CA THR F 19 10.56 24.22 -5.28
C THR F 19 11.03 22.82 -5.75
N ASN F 20 10.06 21.93 -5.83
CA ASN F 20 10.21 20.67 -6.50
C ASN F 20 8.95 20.56 -7.26
N VAL F 21 9.04 19.89 -8.41
CA VAL F 21 7.89 19.54 -9.25
C VAL F 21 7.67 18.01 -9.33
N ILE F 22 6.41 17.60 -9.34
CA ILE F 22 5.97 16.21 -9.53
C ILE F 22 5.02 16.27 -10.72
N ILE F 23 5.42 15.60 -11.79
CA ILE F 23 4.65 15.57 -13.01
C ILE F 23 4.17 14.12 -13.29
N GLY F 24 2.89 13.90 -13.53
CA GLY F 24 2.47 12.54 -13.85
C GLY F 24 1.17 12.47 -14.63
N GLN F 25 0.59 11.27 -14.71
CA GLN F 25 -0.71 11.22 -15.34
C GLN F 25 -1.80 10.67 -14.44
N ALA F 26 -3.04 11.10 -14.65
CA ALA F 26 -4.18 10.58 -13.86
C ALA F 26 -5.40 10.41 -14.79
N HIS F 27 -6.60 10.66 -14.26
CA HIS F 27 -7.81 10.65 -15.09
C HIS F 27 -8.95 11.10 -14.18
N PHE F 28 -10.06 11.56 -14.77
CA PHE F 28 -11.28 11.92 -14.03
C PHE F 28 -11.07 13.28 -13.24
N ILE F 29 -12.04 14.17 -13.36
CA ILE F 29 -11.95 15.53 -12.75
C ILE F 29 -11.66 15.51 -11.26
N LYS F 30 -12.09 14.45 -10.57
CA LYS F 30 -11.87 14.32 -9.14
C LYS F 30 -10.36 14.30 -8.75
N THR F 31 -9.45 14.09 -9.74
CA THR F 31 -7.97 14.11 -9.52
C THR F 31 -7.53 15.39 -8.83
N VAL F 32 -8.06 16.58 -9.21
CA VAL F 32 -7.54 17.82 -8.64
C VAL F 32 -7.85 17.99 -7.13
N GLU F 33 -9.07 17.67 -6.69
CA GLU F 33 -9.41 17.62 -5.25
C GLU F 33 -8.69 16.51 -4.50
N ASP F 34 -8.50 15.33 -5.11
CA ASP F 34 -7.79 14.19 -4.44
C ASP F 34 -6.33 14.44 -4.20
N LEU F 35 -5.64 14.98 -5.22
CA LEU F 35 -4.27 15.53 -5.07
C LEU F 35 -4.11 16.73 -4.07
N TYR F 36 -5.06 17.69 -4.04
CA TYR F 36 -5.04 18.82 -3.06
C TYR F 36 -5.04 18.18 -1.67
N GLU F 37 -5.89 17.15 -1.45
CA GLU F 37 -6.04 16.56 -0.13
C GLU F 37 -4.83 15.67 0.24
N ALA F 38 -4.18 15.03 -0.73
CA ALA F 38 -2.97 14.21 -0.49
C ALA F 38 -1.85 15.09 0.05
N LEU F 39 -1.71 16.24 -0.58
CA LEU F 39 -0.65 17.14 -0.27
C LEU F 39 -0.96 17.82 1.04
N VAL F 40 -2.17 18.29 1.15
CA VAL F 40 -2.45 19.13 2.34
C VAL F 40 -2.47 18.32 3.68
N THR F 41 -2.76 17.00 3.56
CA THR F 41 -2.76 16.08 4.73
C THR F 41 -1.40 15.35 4.98
N SER F 42 -0.42 15.67 4.15
CA SER F 42 0.95 15.10 4.23
C SER F 42 1.90 15.80 5.21
N VAL F 43 1.93 17.14 5.26
CA VAL F 43 2.91 17.90 5.94
C VAL F 43 2.21 19.20 6.43
N PRO F 44 2.23 19.44 7.76
CA PRO F 44 1.61 20.73 8.06
C PRO F 44 2.59 21.84 7.54
N GLY F 45 2.06 22.95 7.05
CA GLY F 45 3.05 23.87 6.58
C GLY F 45 3.17 23.88 5.08
N VAL F 46 3.31 22.72 4.44
CA VAL F 46 3.51 22.64 2.99
C VAL F 46 2.77 23.68 2.14
N LYS F 47 3.43 24.15 1.10
CA LYS F 47 2.82 25.16 0.21
C LYS F 47 2.88 24.55 -1.16
N PHE F 48 1.78 24.57 -1.91
CA PHE F 48 1.74 23.85 -3.19
C PHE F 48 0.75 24.49 -4.18
N GLY F 49 0.91 24.17 -5.46
CA GLY F 49 -0.16 24.37 -6.46
C GLY F 49 -0.33 23.06 -7.21
N ILE F 50 -1.57 22.72 -7.53
CA ILE F 50 -1.87 21.57 -8.35
C ILE F 50 -2.70 21.95 -9.57
N ALA F 51 -2.26 21.55 -10.73
CA ALA F 51 -3.05 21.65 -11.96
C ALA F 51 -3.20 20.29 -12.76
N PHE F 52 -4.33 20.13 -13.42
CA PHE F 52 -4.75 18.85 -14.02
C PHE F 52 -5.45 19.21 -15.30
N CYS F 53 -5.04 18.58 -16.39
CA CYS F 53 -5.63 18.80 -17.68
C CYS F 53 -6.83 17.94 -17.97
N GLU F 54 -8.02 18.51 -17.79
CA GLU F 54 -9.23 17.85 -18.23
C GLU F 54 -9.09 17.55 -19.69
N ALA F 55 -9.35 16.31 -20.06
CA ALA F 55 -9.00 15.77 -21.40
C ALA F 55 -10.21 15.75 -22.33
N SER F 56 -11.39 16.04 -21.74
CA SER F 56 -12.65 16.10 -22.50
C SER F 56 -13.60 17.20 -22.02
N GLY F 57 -14.83 17.25 -22.58
CA GLY F 57 -15.88 18.15 -22.11
C GLY F 57 -15.39 19.57 -22.33
N LYS F 58 -15.55 20.43 -21.32
CA LYS F 58 -14.93 21.79 -21.28
C LYS F 58 -13.38 21.78 -21.58
N ARG F 59 -12.69 20.69 -21.27
CA ARG F 59 -11.22 20.58 -21.48
C ARG F 59 -10.45 21.70 -20.79
N LEU F 60 -10.70 21.90 -19.50
CA LEU F 60 -10.11 23.03 -18.79
C LEU F 60 -8.94 22.60 -17.90
N VAL F 61 -7.92 23.43 -17.81
CA VAL F 61 -6.86 23.22 -16.83
C VAL F 61 -7.48 23.49 -15.45
N ARG F 62 -7.56 22.48 -14.60
CA ARG F 62 -8.14 22.66 -13.27
C ARG F 62 -7.00 22.76 -12.26
N HIS F 63 -7.26 23.55 -11.21
CA HIS F 63 -6.21 23.86 -10.30
C HIS F 63 -6.75 24.00 -8.83
N GLU F 64 -5.88 23.73 -7.87
CA GLU F 64 -6.12 24.06 -6.46
C GLU F 64 -4.73 24.47 -5.98
N ALA F 65 -4.69 25.40 -5.07
CA ALA F 65 -3.43 25.78 -4.44
C ALA F 65 -3.74 26.41 -3.10
N ASN F 66 -2.68 26.65 -2.35
CA ASN F 66 -2.70 27.45 -1.14
C ASN F 66 -1.63 28.57 -1.21
N ASP F 67 -0.94 28.64 -2.35
CA ASP F 67 0.09 29.61 -2.60
C ASP F 67 -0.10 30.05 -4.06
N GLU F 68 0.04 31.35 -4.33
CA GLU F 68 -0.33 31.90 -5.63
C GLU F 68 0.73 31.72 -6.67
N GLU F 69 1.99 31.85 -6.27
CA GLU F 69 3.10 31.63 -7.17
C GLU F 69 3.11 30.17 -7.61
N LEU F 70 2.79 29.25 -6.69
CA LEU F 70 2.80 27.81 -7.01
C LEU F 70 1.59 27.40 -7.85
N ARG F 71 0.50 28.11 -7.73
CA ARG F 71 -0.68 27.88 -8.58
C ARG F 71 -0.47 28.24 -10.07
N ASN F 72 0.13 29.41 -10.29
CA ASN F 72 0.48 29.91 -11.64
C ASN F 72 1.57 29.04 -12.33
N LEU F 73 2.54 28.57 -11.56
CA LEU F 73 3.56 27.69 -12.09
C LEU F 73 2.87 26.41 -12.50
N ALA F 74 2.20 25.77 -11.55
CA ALA F 74 1.46 24.51 -11.88
C ALA F 74 0.61 24.64 -13.19
N ILE F 75 -0.20 25.70 -13.25
CA ILE F 75 -1.08 26.03 -14.36
C ILE F 75 -0.32 26.35 -15.64
N ASP F 76 0.83 27.03 -15.58
CA ASP F 76 1.52 27.23 -16.85
C ASP F 76 2.30 26.02 -17.37
N LEU F 77 2.52 25.03 -16.55
CA LEU F 77 3.22 23.92 -17.08
C LEU F 77 2.16 23.06 -17.77
N CYS F 78 1.04 22.92 -17.10
CA CYS F 78 -0.12 22.37 -17.73
C CYS F 78 -0.37 22.89 -19.18
N LYS F 79 -0.42 24.20 -19.33
CA LYS F 79 -0.67 24.81 -20.62
C LYS F 79 0.47 24.57 -21.60
N LYS F 80 1.72 24.49 -21.10
CA LYS F 80 2.91 24.23 -21.96
C LYS F 80 2.97 22.76 -22.41
N ILE F 81 2.96 21.81 -21.44
CA ILE F 81 2.73 20.37 -21.75
C ILE F 81 1.53 20.14 -22.67
N ALA F 82 0.36 20.69 -22.34
CA ALA F 82 -0.82 20.71 -23.27
C ALA F 82 -1.24 19.27 -23.70
N ALA F 83 -1.44 18.36 -22.72
CA ALA F 83 -1.56 16.89 -22.94
C ALA F 83 -2.62 16.32 -22.00
N GLY F 84 -3.68 15.72 -22.55
CA GLY F 84 -4.84 15.41 -21.76
C GLY F 84 -4.43 14.56 -20.58
N HIS F 85 -4.96 14.90 -19.41
CA HIS F 85 -4.85 14.03 -18.19
C HIS F 85 -3.53 14.11 -17.52
N VAL F 86 -2.60 14.91 -17.98
CA VAL F 86 -1.35 15.17 -17.20
C VAL F 86 -1.70 15.97 -15.97
N PHE F 87 -0.96 15.80 -14.88
CA PHE F 87 -1.07 16.72 -13.79
C PHE F 87 0.33 17.19 -13.43
N VAL F 88 0.37 18.40 -12.90
CA VAL F 88 1.57 19.07 -12.40
C VAL F 88 1.35 19.59 -10.97
N ILE F 89 2.26 19.20 -10.08
CA ILE F 89 2.35 19.70 -8.71
C ILE F 89 3.70 20.45 -8.49
N TYR F 90 3.63 21.58 -7.82
CA TYR F 90 4.85 22.25 -7.36
C TYR F 90 4.68 22.37 -5.88
N ILE F 91 5.75 22.12 -5.13
CA ILE F 91 5.74 22.21 -3.67
C ILE F 91 6.89 23.06 -3.09
N ARG F 92 6.55 23.77 -1.98
CA ARG F 92 7.49 24.46 -1.10
C ARG F 92 7.24 23.89 0.33
N ASN F 93 8.30 23.82 1.15
CA ASN F 93 8.20 23.46 2.59
C ASN F 93 8.00 21.95 2.81
N ALA F 94 8.07 21.21 1.69
CA ALA F 94 8.04 19.74 1.69
C ALA F 94 8.96 19.18 0.60
N TRP F 95 9.60 18.03 0.86
CA TRP F 95 10.22 17.23 -0.25
C TRP F 95 9.28 16.21 -0.97
N PRO F 96 9.55 15.91 -2.23
CA PRO F 96 8.75 14.83 -2.82
C PRO F 96 8.60 13.53 -1.99
N ILE F 97 9.67 12.97 -1.43
CA ILE F 97 9.59 11.81 -0.51
C ILE F 97 8.65 11.97 0.66
N ASN F 98 8.40 13.23 1.10
CA ASN F 98 7.34 13.51 2.13
C ASN F 98 5.84 13.18 1.70
N VAL F 99 5.62 13.25 0.37
CA VAL F 99 4.27 13.19 -0.22
C VAL F 99 4.16 12.11 -1.32
N LEU F 100 5.27 11.43 -1.70
CA LEU F 100 5.18 10.51 -2.92
C LEU F 100 4.20 9.34 -2.79
N ASN F 101 4.31 8.64 -1.68
CA ASN F 101 3.51 7.49 -1.50
C ASN F 101 2.03 7.82 -1.46
N ALA F 102 1.63 8.89 -0.80
CA ALA F 102 0.22 9.37 -0.84
C ALA F 102 -0.31 9.62 -2.28
N ILE F 103 0.44 10.40 -3.10
CA ILE F 103 0.16 10.59 -4.53
C ILE F 103 -0.03 9.27 -5.32
N LYS F 104 0.91 8.32 -5.15
CA LYS F 104 0.89 7.00 -5.75
C LYS F 104 -0.45 6.22 -5.47
N ASN F 105 -0.98 6.36 -4.26
CA ASN F 105 -2.16 5.67 -3.88
C ASN F 105 -3.48 6.38 -4.16
N VAL F 106 -3.44 7.53 -4.85
CA VAL F 106 -4.64 8.25 -5.25
C VAL F 106 -5.17 7.47 -6.41
N PRO F 107 -6.43 6.96 -6.29
CA PRO F 107 -7.01 6.02 -7.24
C PRO F 107 -7.08 6.53 -8.68
N GLU F 108 -7.11 7.87 -8.88
CA GLU F 108 -7.16 8.47 -10.21
C GLU F 108 -5.77 8.38 -10.81
N VAL F 109 -4.72 8.43 -9.97
CA VAL F 109 -3.35 8.53 -10.49
C VAL F 109 -2.94 7.27 -11.17
N VAL F 110 -2.53 7.33 -12.45
CA VAL F 110 -2.11 6.08 -13.13
C VAL F 110 -0.58 5.93 -13.13
N ARG F 111 0.15 7.04 -13.26
CA ARG F 111 1.64 7.00 -13.24
C ARG F 111 2.28 8.32 -12.93
N ILE F 112 3.56 8.31 -12.58
CA ILE F 112 4.29 9.54 -12.22
C ILE F 112 5.54 9.52 -13.08
N PHE F 113 5.81 10.65 -13.76
CA PHE F 113 6.91 10.69 -14.71
C PHE F 113 8.18 11.18 -14.09
N ALA F 114 8.09 12.25 -13.24
CA ALA F 114 9.28 12.87 -12.58
C ALA F 114 8.93 13.29 -11.18
N ALA F 115 9.90 13.29 -10.30
CA ALA F 115 9.80 13.96 -8.96
C ALA F 115 11.19 14.46 -8.75
N THR F 116 11.35 15.78 -8.74
CA THR F 116 12.65 16.38 -8.86
C THR F 116 12.68 17.88 -8.68
N ALA F 117 13.92 18.39 -8.50
CA ALA F 117 14.27 19.82 -8.51
C ALA F 117 15.42 20.17 -9.46
N ASN F 118 16.03 19.16 -10.08
CA ASN F 118 17.00 19.29 -11.21
C ASN F 118 16.53 20.10 -12.42
N PRO F 119 17.50 20.50 -13.34
CA PRO F 119 17.10 20.82 -14.73
C PRO F 119 16.31 19.65 -15.39
N LEU F 120 15.14 19.98 -15.96
CA LEU F 120 14.13 18.94 -16.37
C LEU F 120 13.35 19.21 -17.68
N LYS F 121 13.41 18.28 -18.62
CA LYS F 121 12.56 18.40 -19.83
C LYS F 121 11.46 17.33 -19.91
N VAL F 122 10.26 17.74 -20.31
CA VAL F 122 9.21 16.75 -20.59
C VAL F 122 9.25 16.57 -22.11
N ILE F 123 9.39 15.32 -22.58
CA ILE F 123 9.24 15.00 -23.97
C ILE F 123 7.73 14.77 -24.26
N VAL F 124 7.16 15.63 -25.12
CA VAL F 124 5.77 15.48 -25.59
C VAL F 124 5.70 15.00 -27.06
N ALA F 125 4.97 13.91 -27.34
CA ALA F 125 4.48 13.59 -28.72
C ALA F 125 3.19 14.39 -29.08
N GLU F 126 3.25 15.10 -30.21
CA GLU F 126 2.04 15.55 -30.85
C GLU F 126 1.82 14.72 -32.13
N VAL F 127 0.67 14.07 -32.21
CA VAL F 127 0.33 13.12 -33.25
C VAL F 127 -0.71 13.78 -34.17
N GLU F 128 -1.27 14.89 -33.72
CA GLU F 128 -2.29 15.55 -34.51
C GLU F 128 -2.60 16.80 -33.74
N PRO F 129 -3.23 17.81 -34.38
CA PRO F 129 -3.45 19.01 -33.59
C PRO F 129 -4.36 18.64 -32.42
N GLU F 130 -4.12 19.21 -31.23
CA GLU F 130 -4.98 18.97 -30.06
C GLU F 130 -4.86 17.54 -29.41
N ARG F 131 -3.94 16.70 -29.93
CA ARG F 131 -3.76 15.29 -29.47
C ARG F 131 -2.34 15.10 -29.05
N ARG F 132 -2.10 15.31 -27.75
CA ARG F 132 -0.77 15.20 -27.23
C ARG F 132 -0.62 14.19 -26.05
N GLY F 133 0.53 13.54 -26.00
CA GLY F 133 0.89 12.76 -24.82
C GLY F 133 2.37 12.94 -24.36
N VAL F 134 2.59 12.55 -23.12
CA VAL F 134 3.92 12.48 -22.58
C VAL F 134 4.59 11.07 -22.85
N VAL F 135 5.74 11.23 -23.49
CA VAL F 135 6.60 10.17 -23.97
C VAL F 135 7.83 9.98 -23.04
N GLY F 136 8.19 10.97 -22.23
CA GLY F 136 9.31 10.74 -21.26
C GLY F 136 9.72 12.05 -20.62
N VAL F 137 10.80 11.99 -19.82
CA VAL F 137 11.41 13.17 -19.18
C VAL F 137 12.93 13.05 -19.31
N VAL F 138 13.58 14.18 -19.11
CA VAL F 138 15.02 14.16 -18.98
C VAL F 138 15.31 14.86 -17.68
N ASP F 139 15.56 14.05 -16.67
CA ASP F 139 15.63 14.55 -15.30
C ASP F 139 17.14 14.69 -15.07
N GLY F 140 17.63 15.94 -15.08
CA GLY F 140 19.01 16.21 -14.86
C GLY F 140 19.96 15.75 -15.97
N HIS F 141 21.13 15.25 -15.54
CA HIS F 141 22.31 15.06 -16.38
C HIS F 141 22.87 13.62 -16.30
N SER F 142 23.35 13.13 -17.45
CA SER F 142 24.24 11.97 -17.56
C SER F 142 25.28 11.82 -16.42
N PRO F 143 25.65 10.56 -16.03
CA PRO F 143 26.83 10.35 -15.12
C PRO F 143 28.18 10.92 -15.64
N LEU F 144 29.07 11.30 -14.71
CA LEU F 144 30.45 11.60 -15.10
C LEU F 144 31.39 10.40 -14.85
N GLY F 145 31.07 9.60 -13.82
CA GLY F 145 31.90 8.43 -13.43
C GLY F 145 31.16 7.48 -12.47
N VAL F 146 31.86 6.43 -12.00
CA VAL F 146 31.32 5.53 -10.96
C VAL F 146 31.81 6.08 -9.58
N GLU F 147 30.99 5.90 -8.53
CA GLU F 147 31.39 6.32 -7.21
C GLU F 147 32.47 5.36 -6.72
N THR F 148 33.45 5.95 -6.02
CA THR F 148 34.59 5.31 -5.36
C THR F 148 34.29 5.04 -3.87
N GLU F 149 35.19 4.35 -3.17
CA GLU F 149 35.01 4.05 -1.75
C GLU F 149 34.78 5.29 -0.89
N LYS F 150 35.46 6.39 -1.25
CA LYS F 150 35.38 7.72 -0.54
C LYS F 150 34.15 8.55 -0.89
N ASP F 151 33.68 8.47 -2.13
CA ASP F 151 32.38 9.09 -2.54
C ASP F 151 31.24 8.47 -1.77
N ARG F 152 31.37 7.17 -1.52
CA ARG F 152 30.50 6.34 -0.71
C ARG F 152 30.41 6.83 0.75
N GLU F 153 31.57 7.08 1.32
CA GLU F 153 31.68 7.51 2.71
C GLU F 153 30.96 8.82 2.88
N GLU F 154 31.28 9.75 1.99
CA GLU F 154 30.65 11.06 2.01
C GLU F 154 29.14 11.08 1.79
N ARG F 155 28.61 10.06 1.09
CA ARG F 155 27.18 9.92 0.82
C ARG F 155 26.52 9.27 2.04
N LYS F 156 27.21 8.29 2.64
CA LYS F 156 26.72 7.66 3.89
C LYS F 156 26.66 8.67 5.03
N LYS F 157 27.71 9.49 5.15
CA LYS F 157 27.89 10.56 6.17
C LYS F 157 26.92 11.74 5.99
N PHE F 158 26.74 12.14 4.73
CA PHE F 158 25.63 13.03 4.36
C PHE F 158 24.25 12.54 4.88
N LEU F 159 23.87 11.29 4.59
CA LEU F 159 22.56 10.77 5.04
C LEU F 159 22.37 10.73 6.57
N ARG F 160 23.44 10.37 7.27
CA ARG F 160 23.49 10.29 8.75
C ARG F 160 23.76 11.57 9.57
N GLU F 161 24.45 12.55 8.97
CA GLU F 161 24.94 13.71 9.72
C GLU F 161 24.32 15.01 9.28
N VAL F 162 23.96 15.11 8.01
CA VAL F 162 23.40 16.34 7.49
C VAL F 162 21.88 16.37 7.48
N VAL F 163 21.27 15.38 6.82
CA VAL F 163 19.84 15.37 6.61
C VAL F 163 19.18 14.40 7.56
N LYS F 164 20.03 13.70 8.30
CA LYS F 164 19.67 12.71 9.34
C LYS F 164 18.61 11.63 8.97
N TYR F 165 18.65 11.15 7.73
CA TYR F 165 17.55 10.19 7.26
C TYR F 165 17.92 8.73 7.55
N LYS F 166 19.22 8.46 7.83
CA LYS F 166 19.71 7.12 8.26
C LYS F 166 20.51 7.25 9.56
N LEU F 167 20.76 6.12 10.20
CA LEU F 167 21.49 6.11 11.48
C LEU F 167 22.80 5.37 11.29
O5' ADN G . 12.78 -10.18 18.45
C5' ADN G . 13.45 -11.26 17.84
C4' ADN G . 12.34 -11.69 16.90
O4' ADN G . 12.51 -10.96 15.69
C3' ADN G . 12.43 -13.14 16.49
O3' ADN G . 11.45 -13.77 17.26
C2' ADN G . 12.15 -13.15 14.99
O2' ADN G . 10.82 -12.85 14.69
C1' ADN G . 12.61 -11.85 14.55
N9 ADN G . 14.00 -11.94 14.11
C8 ADN G . 15.07 -12.33 14.83
N7 ADN G . 16.20 -12.28 14.07
C5 ADN G . 15.84 -11.87 12.85
C6 ADN G . 16.55 -11.63 11.57
N6 ADN G . 17.91 -11.79 11.47
N1 ADN G . 15.74 -11.21 10.54
C2 ADN G . 14.40 -11.03 10.66
N3 ADN G . 13.68 -11.23 11.76
C4 ADN G . 14.37 -11.63 12.87
O5' ADN H . -16.86 -16.11 6.25
C5' ADN H . -18.19 -15.56 6.30
C4' ADN H . -18.05 -14.10 5.92
O4' ADN H . -17.40 -13.90 4.64
C3' ADN H . -19.45 -13.59 5.71
O3' ADN H . -20.08 -13.38 6.95
C2' ADN H . -19.24 -12.38 4.81
O2' ADN H . -18.75 -11.29 5.59
C1' ADN H . -18.11 -12.88 3.91
N9 ADN H . -18.58 -13.45 2.60
C8 ADN H . -19.37 -14.52 2.40
N7 ADN H . -19.58 -14.80 1.08
C5 ADN H . -18.85 -13.92 0.36
C6 ADN H . -18.56 -13.60 -1.09
N6 ADN H . -19.08 -14.30 -2.14
N1 ADN H . -17.73 -12.56 -1.36
C2 ADN H . -17.18 -11.81 -0.40
N3 ADN H . -17.40 -12.01 0.89
C4 ADN H . -18.21 -13.02 1.36
P PO4 I . -5.51 -4.57 17.00
O1 PO4 I . -5.26 -4.44 18.48
O2 PO4 I . -5.27 -5.99 16.58
O3 PO4 I . -6.90 -4.11 16.69
O4 PO4 I . -4.60 -3.70 16.18
O5' ADN J . -9.76 13.83 17.99
C5' ADN J . -8.66 14.60 18.31
C4' ADN J . -7.50 13.80 17.74
O4' ADN J . -7.35 14.05 16.35
C3' ADN J . -6.43 14.60 18.32
O3' ADN J . -6.29 13.98 19.56
C2' ADN J . -5.28 14.54 17.34
O2' ADN J . -4.54 13.33 17.43
C1' ADN J . -6.05 14.55 16.03
N9 ADN J . -6.20 15.92 15.45
C8 ADN J . -6.82 16.99 16.07
N7 ADN J . -6.76 18.10 15.28
C5 ADN J . -6.13 17.80 14.13
C6 ADN J . -5.74 18.55 12.86
N6 ADN J . -6.02 19.87 12.64
N1 ADN J . -5.04 17.82 11.92
C2 ADN J . -4.76 16.52 12.13
N3 ADN J . -5.08 15.81 13.21
C4 ADN J . -5.75 16.35 14.26
P PO4 K . 5.35 4.77 -16.64
O1 PO4 K . 4.72 4.44 -15.32
O2 PO4 K . 5.98 3.59 -17.24
O3 PO4 K . 4.37 5.30 -17.61
O4 PO4 K . 6.49 5.70 -16.36
O5' ADN L . 7.35 -14.52 -18.56
C5' ADN L . 8.70 -14.82 -18.27
C4' ADN L . 9.15 -13.93 -17.12
O4' ADN L . 8.47 -14.22 -15.86
C3' ADN L . 10.61 -14.15 -16.89
O3' ADN L . 11.38 -13.26 -17.70
C2' ADN L . 10.80 -13.97 -15.40
O2' ADN L . 11.10 -12.62 -15.10
C1' ADN L . 9.45 -14.30 -14.80
N9 ADN L . 9.44 -15.68 -14.20
C8 ADN L . 9.80 -16.81 -14.86
N7 ADN L . 9.69 -17.91 -14.07
C5 ADN L . 9.25 -17.52 -12.85
C6 ADN L . 8.92 -18.19 -11.55
N6 ADN L . 9.05 -19.54 -11.41
N1 ADN L . 8.48 -17.40 -10.51
C2 ADN L . 8.33 -16.07 -10.64
N3 ADN L . 8.62 -15.40 -11.78
C4 ADN L . 9.08 -16.04 -12.92
O5' ADN M . 19.06 14.40 -6.06
C5' ADN M . 18.53 15.68 -5.76
C4' ADN M . 17.03 15.61 -5.84
O4' ADN M . 16.52 14.96 -4.65
C3' ADN M . 16.50 17.01 -5.77
O3' ADN M . 16.15 17.57 -7.07
C2' ADN M . 15.34 16.92 -4.79
O2' ADN M . 14.19 16.51 -5.46
C1' ADN M . 15.58 15.74 -3.93
N9 ADN M . 16.17 16.14 -2.66
C8 ADN M . 17.32 16.85 -2.56
N7 ADN M . 17.64 17.07 -1.26
C5 ADN M . 16.70 16.47 -0.47
C6 ADN M . 16.46 16.28 0.99
N6 ADN M . 17.32 16.82 1.86
N1 ADN M . 15.38 15.59 1.41
C2 ADN M . 14.55 15.08 0.50
N3 ADN M . 14.70 15.18 -0.85
C4 ADN M . 15.73 15.85 -1.41
O5' ADN N . -13.82 11.95 -17.59
C5' ADN N . -12.54 11.42 -17.90
C4' ADN N . -12.52 9.95 -17.45
O4' ADN N . -12.89 9.76 -16.05
C3' ADN N . -13.45 9.07 -18.24
O3' ADN N . -12.80 8.73 -19.46
C2' ADN N . -13.62 7.88 -17.26
O2' ADN N . -12.49 7.02 -17.40
C1' ADN N . -13.52 8.49 -15.87
N9 ADN N . -14.85 8.81 -15.29
C8 ADN N . -15.82 9.48 -15.95
N7 ADN N . -16.92 9.64 -15.21
C5 ADN N . -16.68 8.99 -14.01
C6 ADN N . -17.46 8.76 -12.78
N6 ADN N . -18.71 9.28 -12.74
N1 ADN N . -16.90 8.07 -11.73
C2 ADN N . -15.64 7.62 -11.87
N3 ADN N . -14.86 7.77 -12.97
C4 ADN N . -15.31 8.47 -14.05
#